data_8ZB2
#
_entry.id   8ZB2
#
_cell.length_a   124.788
_cell.length_b   124.788
_cell.length_c   148.280
_cell.angle_alpha   90.00
_cell.angle_beta   90.00
_cell.angle_gamma   120.00
#
_symmetry.space_group_name_H-M   'P 65'
#
loop_
_entity.id
_entity.type
_entity.pdbx_description
1 polymer 'FAD-binding protein'
2 non-polymer 'FLAVIN-ADENINE DINUCLEOTIDE'
3 non-polymer 'THIOCYANATE ION'
#
_entity_poly.entity_id   1
_entity_poly.type   'polypeptide(L)'
_entity_poly.pdbx_seq_one_letter_code
;TTHDIVIAGGGISGLFCALRLAEAGHRLLVLEAAADRWGGRIETEEMDGFIAEYGPMRFEPTLQPRFAALCAELGVGLVD
FFGPSADQVSSDDADLPEAERGLNSLQLLKRGIMLIMGRAPDDQAWIDALTEADYMRLRKHAQLHGQPLWAMGFWNALSA
QGILSHRALVKLRDTGTFYHMIPENLNAAEWIIWWLRALKTVGQQLASIEGGSARLTAQLLARLRSHANVTLAGGHKLVG
VRPVELGKPTLALDVATQNGAVTLRTERLVLALPRLPLLKLTRHLPEHVASQLDSVNGFPMLKVFFVCSTPWWSYGQAPQ
QYANCMPTREIHYFRRPPEADADGHGMVLLYMDRPSTEFWRHYVIDGDRHDRAELDQNGRIVDAFALFVARDVKRAAASE
ESALKLTDHARRIFGDLSLAETTQYIRNSIITYGIRDWARAPYGAANHGWQPGVRSWKVMEAFKAFDFGSGARNLHIVGE
AYSDYQGFIEGALNSAELALATIPAP
;
_entity_poly.pdbx_strand_id   A,B
#
loop_
_chem_comp.id
_chem_comp.type
_chem_comp.name
_chem_comp.formula
FAD non-polymer 'FLAVIN-ADENINE DINUCLEOTIDE' 'C27 H33 N9 O15 P2'
SCN non-polymer 'THIOCYANATE ION' 'C N S -1'
#
# COMPACT_ATOMS: atom_id res chain seq x y z
N THR A 1 -34.50 19.28 -10.51
CA THR A 1 -34.65 20.49 -9.63
C THR A 1 -33.50 21.46 -9.92
N THR A 2 -33.31 22.46 -9.05
CA THR A 2 -32.19 23.42 -9.06
C THR A 2 -32.00 23.96 -7.64
N HIS A 3 -30.76 24.18 -7.19
CA HIS A 3 -30.44 24.59 -5.80
C HIS A 3 -29.33 25.64 -5.76
N ASP A 4 -29.40 26.58 -4.82
CA ASP A 4 -28.36 27.61 -4.58
C ASP A 4 -26.98 26.93 -4.50
N ILE A 5 -26.87 25.99 -3.57
CA ILE A 5 -25.61 25.30 -3.16
C ILE A 5 -25.90 23.83 -2.86
N VAL A 6 -25.30 22.90 -3.61
CA VAL A 6 -25.21 21.46 -3.25
C VAL A 6 -23.96 21.24 -2.38
N ILE A 7 -24.05 20.39 -1.36
CA ILE A 7 -22.88 19.86 -0.60
C ILE A 7 -22.83 18.32 -0.73
N ALA A 8 -22.02 17.77 -1.63
CA ALA A 8 -21.70 16.32 -1.70
C ALA A 8 -20.89 15.91 -0.44
N GLY A 9 -21.39 14.93 0.30
CA GLY A 9 -20.74 14.45 1.53
C GLY A 9 -21.38 15.03 2.76
N GLY A 10 -22.03 14.19 3.59
CA GLY A 10 -22.64 14.56 4.88
C GLY A 10 -21.83 14.09 6.06
N GLY A 11 -20.50 14.14 5.95
CA GLY A 11 -19.61 13.88 7.09
C GLY A 11 -19.45 15.11 7.93
N ILE A 12 -18.57 15.09 8.93
CA ILE A 12 -18.52 16.20 9.90
C ILE A 12 -18.32 17.52 9.14
N SER A 13 -17.49 17.52 8.09
CA SER A 13 -17.07 18.74 7.36
C SER A 13 -18.20 19.14 6.41
N GLY A 14 -18.78 18.17 5.69
CA GLY A 14 -20.00 18.36 4.88
C GLY A 14 -21.07 19.13 5.63
N LEU A 15 -21.22 18.86 6.93
CA LEU A 15 -22.37 19.33 7.72
C LEU A 15 -22.03 20.65 8.38
N PHE A 16 -20.80 20.83 8.87
CA PHE A 16 -20.31 22.12 9.44
C PHE A 16 -20.38 23.17 8.35
N CYS A 17 -20.32 22.76 7.08
CA CYS A 17 -20.54 23.67 5.92
C CYS A 17 -22.04 23.89 5.76
N ALA A 18 -22.85 22.83 5.88
CA ALA A 18 -24.32 22.91 5.79
C ALA A 18 -24.87 23.77 6.95
N LEU A 19 -24.15 23.93 8.06
CA LEU A 19 -24.58 24.79 9.20
C LEU A 19 -24.23 26.25 8.91
N ARG A 20 -22.93 26.62 8.89
CA ARG A 20 -22.44 28.02 8.73
C ARG A 20 -23.07 28.66 7.50
N LEU A 21 -23.35 27.89 6.44
CA LEU A 21 -23.97 28.41 5.20
C LEU A 21 -25.47 28.64 5.40
N ALA A 22 -26.14 27.89 6.27
CA ALA A 22 -27.56 28.13 6.63
C ALA A 22 -27.65 29.41 7.47
N GLU A 23 -26.78 29.52 8.49
CA GLU A 23 -26.66 30.67 9.45
C GLU A 23 -26.31 32.00 8.73
N ALA A 24 -25.87 31.96 7.46
CA ALA A 24 -25.69 33.15 6.59
C ALA A 24 -26.85 33.25 5.57
N GLY A 25 -27.64 32.16 5.41
CA GLY A 25 -28.98 32.16 4.78
C GLY A 25 -29.01 31.69 3.33
N HIS A 26 -28.27 30.64 2.97
CA HIS A 26 -28.28 30.04 1.61
C HIS A 26 -29.25 28.86 1.59
N ARG A 27 -29.70 28.43 0.41
CA ARG A 27 -30.63 27.29 0.22
C ARG A 27 -29.81 26.02 -0.09
N LEU A 28 -29.27 25.40 0.97
CA LEU A 28 -28.34 24.24 0.93
C LEU A 28 -29.09 22.96 0.58
N LEU A 29 -28.39 22.07 -0.09
CA LEU A 29 -28.77 20.64 -0.25
C LEU A 29 -27.55 19.77 0.08
N VAL A 30 -27.73 18.70 0.88
CA VAL A 30 -26.64 17.79 1.33
C VAL A 30 -26.87 16.39 0.77
N LEU A 31 -26.18 16.05 -0.31
CA LEU A 31 -26.12 14.68 -0.88
C LEU A 31 -25.21 13.84 0.00
N GLU A 32 -25.54 12.56 0.19
CA GLU A 32 -24.84 11.67 1.16
C GLU A 32 -25.12 10.25 0.71
N ALA A 33 -24.08 9.50 0.35
CA ALA A 33 -24.16 8.32 -0.54
C ALA A 33 -24.88 7.21 0.19
N ALA A 34 -24.80 7.30 1.53
CA ALA A 34 -25.29 6.33 2.52
C ALA A 34 -26.76 6.60 2.87
N ALA A 35 -27.60 5.57 2.71
CA ALA A 35 -29.05 5.59 2.95
C ALA A 35 -29.38 6.03 4.39
N ASP A 36 -28.83 5.35 5.39
CA ASP A 36 -29.37 5.40 6.79
C ASP A 36 -28.46 6.28 7.66
N ARG A 37 -27.16 6.35 7.39
CA ARG A 37 -26.14 6.96 8.29
C ARG A 37 -25.70 8.36 7.82
N TRP A 38 -25.08 9.11 8.73
CA TRP A 38 -24.52 10.48 8.56
C TRP A 38 -23.27 10.58 9.44
N GLY A 39 -22.31 11.43 9.04
CA GLY A 39 -21.11 11.77 9.83
C GLY A 39 -19.90 10.97 9.36
N GLY A 40 -20.09 10.09 8.37
CA GLY A 40 -19.02 9.23 7.82
C GLY A 40 -18.12 8.64 8.90
N ARG A 41 -16.85 9.01 8.89
CA ARG A 41 -15.79 8.38 9.73
C ARG A 41 -16.18 8.41 11.20
N ILE A 42 -17.10 9.30 11.61
CA ILE A 42 -17.73 9.21 12.96
C ILE A 42 -18.71 8.03 12.97
N GLU A 43 -18.35 6.99 13.72
CA GLU A 43 -19.12 5.73 13.84
C GLU A 43 -18.98 5.29 15.30
N THR A 44 -20.15 5.11 15.92
CA THR A 44 -20.37 4.67 17.32
C THR A 44 -21.52 3.67 17.28
N GLU A 45 -21.26 2.37 17.48
CA GLU A 45 -22.32 1.33 17.59
C GLU A 45 -22.46 1.02 19.08
N GLU A 46 -23.66 0.67 19.54
CA GLU A 46 -23.88 0.15 20.91
C GLU A 46 -23.77 -1.36 20.86
N MET A 47 -22.84 -1.96 21.62
CA MET A 47 -22.59 -3.42 21.59
C MET A 47 -22.72 -3.96 23.01
N ASP A 48 -23.77 -4.78 23.23
CA ASP A 48 -24.17 -5.27 24.57
C ASP A 48 -23.94 -4.14 25.59
N GLY A 49 -24.38 -2.93 25.25
CA GLY A 49 -24.40 -1.77 26.18
C GLY A 49 -23.07 -1.02 26.28
N PHE A 50 -22.02 -1.50 25.62
CA PHE A 50 -20.74 -0.77 25.45
C PHE A 50 -20.83 0.20 24.27
N ILE A 51 -20.26 1.40 24.48
CA ILE A 51 -19.94 2.41 23.43
C ILE A 51 -18.69 1.91 22.69
N ALA A 52 -18.86 1.32 21.51
CA ALA A 52 -17.75 0.91 20.61
C ALA A 52 -17.58 1.95 19.48
N GLU A 53 -16.51 2.75 19.56
CA GLU A 53 -16.15 3.76 18.52
C GLU A 53 -15.36 3.07 17.41
N TYR A 54 -16.01 2.78 16.29
CA TYR A 54 -15.38 2.24 15.06
C TYR A 54 -14.53 3.34 14.42
N GLY A 55 -14.76 4.61 14.76
CA GLY A 55 -14.03 5.79 14.27
C GLY A 55 -13.29 6.46 15.41
N PRO A 56 -13.38 7.80 15.56
CA PRO A 56 -12.71 8.50 16.66
C PRO A 56 -13.31 8.14 18.02
N MET A 57 -12.48 8.10 19.07
CA MET A 57 -12.86 7.73 20.46
C MET A 57 -12.56 8.89 21.41
N ARG A 58 -11.28 9.30 21.50
CA ARG A 58 -10.78 10.41 22.35
C ARG A 58 -10.54 11.67 21.50
N PHE A 59 -10.18 12.77 22.17
CA PHE A 59 -9.95 14.12 21.61
C PHE A 59 -9.16 14.98 22.61
N GLU A 60 -8.47 15.99 22.10
CA GLU A 60 -7.60 16.92 22.88
C GLU A 60 -8.12 18.33 22.63
N PRO A 61 -9.15 18.79 23.36
CA PRO A 61 -9.93 19.97 22.95
C PRO A 61 -9.07 21.24 22.97
N THR A 62 -8.05 21.26 23.81
CA THR A 62 -7.04 22.36 23.95
C THR A 62 -6.30 22.54 22.62
N LEU A 63 -6.00 21.43 21.95
CA LEU A 63 -5.29 21.40 20.65
C LEU A 63 -6.28 21.66 19.51
N GLN A 64 -7.53 21.21 19.69
CA GLN A 64 -8.59 21.20 18.64
C GLN A 64 -9.68 22.21 19.01
N PRO A 65 -9.33 23.51 19.19
CA PRO A 65 -10.29 24.51 19.68
C PRO A 65 -11.64 24.51 18.94
N ARG A 66 -11.60 24.42 17.61
CA ARG A 66 -12.81 24.59 16.76
C ARG A 66 -13.73 23.41 16.98
N PHE A 67 -13.22 22.31 17.52
CA PHE A 67 -13.97 21.09 17.88
C PHE A 67 -14.83 21.37 19.12
N ALA A 68 -14.17 21.79 20.20
CA ALA A 68 -14.77 22.33 21.44
C ALA A 68 -15.92 23.29 21.10
N ALA A 69 -15.68 24.26 20.21
CA ALA A 69 -16.63 25.34 19.84
C ALA A 69 -17.85 24.78 19.11
N LEU A 70 -17.69 23.76 18.27
CA LEU A 70 -18.82 23.12 17.56
C LEU A 70 -19.51 22.17 18.55
N CYS A 71 -18.77 21.73 19.58
CA CYS A 71 -19.31 20.87 20.65
C CYS A 71 -20.20 21.76 21.53
N ALA A 72 -19.61 22.78 22.17
CA ALA A 72 -20.31 23.87 22.89
C ALA A 72 -21.57 24.33 22.14
N GLU A 73 -21.44 25.03 21.01
CA GLU A 73 -22.58 25.62 20.25
C GLU A 73 -23.68 24.60 19.95
N LEU A 74 -23.50 23.31 20.26
CA LEU A 74 -24.44 22.21 19.90
C LEU A 74 -24.95 21.49 21.16
N GLY A 75 -24.40 21.82 22.33
CA GLY A 75 -24.71 21.14 23.61
C GLY A 75 -24.20 19.71 23.61
N VAL A 76 -22.93 19.53 23.23
CA VAL A 76 -22.18 18.24 23.30
C VAL A 76 -21.08 18.41 24.35
N GLY A 77 -21.11 17.59 25.38
CA GLY A 77 -20.11 17.65 26.45
C GLY A 77 -19.04 16.61 26.24
N LEU A 78 -17.94 16.74 26.99
CA LEU A 78 -16.72 15.92 26.83
C LEU A 78 -16.33 15.37 28.20
N VAL A 79 -16.78 14.16 28.54
CA VAL A 79 -16.33 13.40 29.74
C VAL A 79 -14.81 13.15 29.57
N ASP A 80 -13.99 13.96 30.25
CA ASP A 80 -12.53 13.74 30.41
C ASP A 80 -12.27 12.24 30.59
N PHE A 81 -11.28 11.69 29.87
CA PHE A 81 -10.90 10.26 29.87
C PHE A 81 -9.64 10.08 30.71
N PHE A 82 -9.69 9.18 31.69
CA PHE A 82 -8.64 8.97 32.70
C PHE A 82 -8.10 7.53 32.60
N GLY A 83 -8.18 6.94 31.41
CA GLY A 83 -7.96 5.49 31.21
C GLY A 83 -6.48 5.10 31.32
N PRO A 84 -6.18 3.79 31.27
CA PRO A 84 -4.81 3.28 31.50
C PRO A 84 -3.78 3.70 30.45
N SER A 85 -2.49 3.63 30.81
CA SER A 85 -1.34 4.24 30.09
C SER A 85 -0.96 3.38 28.87
N ALA A 86 -0.14 2.33 29.05
CA ALA A 86 0.40 1.47 27.95
C ALA A 86 1.08 0.24 28.54
N GLU A 100 23.25 4.73 19.68
CA GLU A 100 22.72 4.02 20.88
C GLU A 100 23.34 4.63 22.16
N ARG A 101 23.68 5.92 22.17
CA ARG A 101 24.31 6.60 23.34
C ARG A 101 23.96 8.10 23.26
N GLY A 102 23.21 8.62 24.22
CA GLY A 102 22.43 9.84 24.03
C GLY A 102 21.08 9.51 23.40
N LEU A 103 20.91 8.29 22.86
CA LEU A 103 19.70 7.75 22.17
C LEU A 103 19.02 6.69 23.08
N ASN A 104 18.64 7.03 24.33
CA ASN A 104 18.20 6.07 25.38
C ASN A 104 17.02 6.61 26.20
N SER A 105 15.81 6.55 25.60
CA SER A 105 14.56 7.22 26.04
C SER A 105 13.35 6.48 25.48
N LEU A 106 12.15 7.03 25.66
CA LEU A 106 10.85 6.41 25.24
C LEU A 106 10.24 7.29 24.17
N GLN A 107 9.74 6.68 23.08
CA GLN A 107 9.13 7.44 21.96
C GLN A 107 10.14 8.54 21.62
N LEU A 108 9.97 9.75 22.15
CA LEU A 108 10.96 10.86 22.00
C LEU A 108 11.63 10.81 20.62
N LEU A 109 10.81 10.66 19.58
CA LEU A 109 11.08 11.27 18.25
C LEU A 109 11.27 12.77 18.46
N LYS A 110 10.84 13.31 19.61
CA LYS A 110 11.09 14.72 20.01
C LYS A 110 12.58 15.03 19.87
N ARG A 111 13.44 14.08 20.18
CA ARG A 111 14.89 14.31 19.99
C ARG A 111 15.11 14.64 18.51
N GLY A 112 14.69 13.72 17.64
CA GLY A 112 14.78 13.80 16.17
C GLY A 112 14.27 15.13 15.66
N ILE A 113 13.04 15.48 16.01
CA ILE A 113 12.40 16.73 15.51
C ILE A 113 13.28 17.91 15.86
N MET A 114 13.63 18.02 17.14
CA MET A 114 14.24 19.25 17.72
C MET A 114 15.68 19.36 17.22
N LEU A 115 16.33 18.23 16.96
CA LEU A 115 17.62 18.24 16.23
C LEU A 115 17.41 18.92 14.87
N ILE A 116 16.43 18.46 14.07
CA ILE A 116 16.11 18.99 12.70
C ILE A 116 15.92 20.51 12.81
N MET A 117 15.11 20.95 13.78
CA MET A 117 14.75 22.38 13.97
C MET A 117 15.92 23.17 14.58
N GLY A 118 16.98 22.48 15.02
CA GLY A 118 18.25 23.09 15.48
C GLY A 118 18.20 23.54 16.93
N ARG A 119 17.12 23.26 17.65
CA ARG A 119 16.97 23.63 19.08
C ARG A 119 17.64 22.55 19.94
N ALA A 120 17.69 22.77 21.26
CA ALA A 120 18.11 21.77 22.27
C ALA A 120 17.05 20.67 22.34
N PRO A 121 17.44 19.38 22.38
CA PRO A 121 16.46 18.28 22.33
C PRO A 121 15.47 18.22 23.50
N ASP A 122 15.49 19.21 24.38
CA ASP A 122 14.62 19.31 25.59
C ASP A 122 14.22 20.77 25.80
N ASP A 123 13.95 21.48 24.70
CA ASP A 123 13.69 22.95 24.68
C ASP A 123 12.16 23.19 24.74
N GLN A 124 11.46 22.37 25.55
CA GLN A 124 9.98 22.29 25.65
C GLN A 124 9.29 23.67 25.74
N ALA A 125 10.01 24.74 26.07
CA ALA A 125 9.42 26.10 26.12
C ALA A 125 9.18 26.58 24.69
N TRP A 126 10.22 26.44 23.86
CA TRP A 126 10.23 26.76 22.40
C TRP A 126 9.02 26.10 21.72
N ILE A 127 8.84 24.81 21.99
CA ILE A 127 7.70 23.96 21.51
C ILE A 127 6.36 24.57 21.95
N ASP A 128 6.23 24.94 23.23
CA ASP A 128 4.94 25.40 23.82
C ASP A 128 4.59 26.81 23.30
N ALA A 129 5.59 27.53 22.77
CA ALA A 129 5.46 28.94 22.31
C ALA A 129 5.06 29.00 20.82
N LEU A 130 5.12 27.88 20.11
CA LEU A 130 4.91 27.79 18.63
C LEU A 130 3.44 28.05 18.29
N THR A 131 3.22 29.00 17.38
CA THR A 131 1.89 29.41 16.85
C THR A 131 1.65 28.76 15.47
N GLU A 132 0.42 28.79 14.98
CA GLU A 132 0.07 28.32 13.62
C GLU A 132 0.92 29.11 12.62
N ALA A 133 0.90 30.44 12.74
CA ALA A 133 1.74 31.39 11.97
C ALA A 133 3.20 30.91 11.85
N ASP A 134 3.72 30.29 12.93
CA ASP A 134 5.09 29.73 13.04
C ASP A 134 5.17 28.43 12.25
N TYR A 135 4.15 27.57 12.39
CA TYR A 135 4.06 26.27 11.69
C TYR A 135 4.11 26.52 10.15
N MET A 136 3.41 27.56 9.70
CA MET A 136 3.41 27.98 8.27
C MET A 136 4.82 28.40 7.88
N ARG A 137 5.46 29.28 8.67
CA ARG A 137 6.88 29.71 8.48
C ARG A 137 7.79 28.47 8.40
N LEU A 138 7.54 27.47 9.24
CA LEU A 138 8.32 26.21 9.27
C LEU A 138 8.12 25.52 7.93
N ARG A 139 6.87 25.18 7.59
CA ARG A 139 6.55 24.35 6.41
C ARG A 139 7.08 25.03 5.13
N LYS A 140 6.87 26.34 4.94
CA LYS A 140 7.36 27.07 3.75
C LYS A 140 8.89 27.13 3.71
N HIS A 141 9.55 27.49 4.82
CA HIS A 141 10.95 28.01 4.81
C HIS A 141 11.98 27.11 5.52
N ALA A 142 11.60 26.26 6.47
CA ALA A 142 12.57 25.38 7.18
C ALA A 142 13.26 24.39 6.22
N GLN A 143 14.60 24.43 6.21
CA GLN A 143 15.52 23.56 5.41
C GLN A 143 16.23 22.55 6.33
N LEU A 144 16.75 21.46 5.78
CA LEU A 144 17.62 20.47 6.48
C LEU A 144 18.61 19.92 5.47
N HIS A 145 19.90 20.18 5.71
CA HIS A 145 21.04 19.86 4.81
C HIS A 145 20.75 20.44 3.42
N GLY A 146 20.24 21.69 3.39
CA GLY A 146 20.07 22.53 2.18
C GLY A 146 18.70 22.34 1.52
N GLN A 147 17.99 21.25 1.86
CA GLN A 147 16.72 20.76 1.25
C GLN A 147 15.55 21.33 2.05
N PRO A 148 14.46 21.85 1.42
CA PRO A 148 13.28 22.26 2.18
C PRO A 148 12.60 21.00 2.74
N LEU A 149 11.94 21.09 3.89
CA LEU A 149 11.40 19.87 4.53
C LEU A 149 10.13 19.45 3.82
N TRP A 150 9.41 20.43 3.26
CA TRP A 150 8.22 20.15 2.40
C TRP A 150 8.60 19.19 1.27
N ALA A 151 9.88 19.10 0.90
CA ALA A 151 10.40 18.21 -0.16
C ALA A 151 10.90 16.86 0.37
N MET A 152 10.81 16.56 1.66
CA MET A 152 11.54 15.39 2.23
C MET A 152 10.56 14.40 2.85
N GLY A 153 11.00 13.16 2.98
CA GLY A 153 10.32 12.18 3.84
C GLY A 153 10.50 12.57 5.28
N PHE A 154 9.49 12.37 6.11
CA PHE A 154 9.63 12.41 7.59
C PHE A 154 10.72 11.41 8.00
N TRP A 155 10.68 10.22 7.39
CA TRP A 155 11.61 9.12 7.70
C TRP A 155 13.03 9.54 7.31
N ASN A 156 13.18 10.24 6.19
CA ASN A 156 14.52 10.63 5.68
C ASN A 156 15.07 11.72 6.61
N ALA A 157 14.29 12.74 6.92
CA ALA A 157 14.72 13.89 7.77
C ALA A 157 15.21 13.37 9.14
N LEU A 158 14.51 12.40 9.72
CA LEU A 158 14.90 11.78 11.03
C LEU A 158 16.19 10.94 10.87
N SER A 159 16.55 10.46 9.68
CA SER A 159 17.68 9.53 9.47
C SER A 159 18.91 10.31 9.03
N ALA A 160 18.80 11.64 9.01
CA ALA A 160 19.84 12.51 8.42
C ALA A 160 21.10 12.51 9.28
N GLN A 161 22.21 12.99 8.71
CA GLN A 161 23.47 13.32 9.43
C GLN A 161 23.10 14.21 10.62
N GLY A 162 23.37 13.71 11.84
CA GLY A 162 23.24 14.45 13.12
C GLY A 162 21.81 14.47 13.65
N ILE A 163 21.00 13.45 13.33
CA ILE A 163 19.60 13.29 13.84
C ILE A 163 19.50 11.96 14.58
N LEU A 164 18.88 10.93 14.01
CA LEU A 164 18.62 9.63 14.70
C LEU A 164 19.24 8.46 13.93
N SER A 165 19.33 7.33 14.64
CA SER A 165 19.39 5.92 14.19
C SER A 165 20.48 5.23 15.01
N LYS A 171 16.96 1.87 16.44
CA LYS A 171 17.46 3.10 15.77
C LYS A 171 16.31 4.11 15.74
N LEU A 172 15.60 4.21 14.59
CA LEU A 172 14.19 4.67 14.48
C LEU A 172 13.26 3.52 14.86
N ARG A 173 12.53 3.61 15.98
CA ARG A 173 11.58 2.58 16.46
C ARG A 173 10.15 2.91 15.99
N ASP A 174 9.75 2.27 14.89
CA ASP A 174 8.34 2.02 14.51
C ASP A 174 7.80 0.85 15.33
N THR A 175 8.63 -0.15 15.61
CA THR A 175 8.36 -1.17 16.66
C THR A 175 8.43 -0.41 18.00
N GLY A 176 7.34 -0.42 18.77
CA GLY A 176 7.04 0.59 19.82
C GLY A 176 6.26 1.75 19.22
N THR A 177 5.96 2.79 20.01
CA THR A 177 5.40 4.12 19.59
C THR A 177 3.94 3.98 19.09
N PHE A 178 3.24 5.11 18.90
CA PHE A 178 1.77 5.20 18.67
C PHE A 178 1.50 5.11 17.15
N TYR A 179 1.25 6.24 16.48
CA TYR A 179 0.95 6.30 15.02
C TYR A 179 1.61 7.56 14.46
N HIS A 180 2.83 7.35 13.95
CA HIS A 180 3.83 8.39 13.59
C HIS A 180 4.18 8.30 12.10
N MET A 181 3.73 7.22 11.43
CA MET A 181 3.65 7.08 9.95
C MET A 181 5.06 7.27 9.37
N ILE A 182 5.98 6.47 9.91
CA ILE A 182 7.40 6.37 9.49
C ILE A 182 7.46 5.51 8.23
N PRO A 183 7.02 4.23 8.26
CA PRO A 183 6.98 3.39 7.05
C PRO A 183 6.09 3.88 5.90
N GLU A 184 5.30 4.93 6.11
CA GLU A 184 4.49 5.59 5.06
C GLU A 184 5.28 6.81 4.56
N ASN A 185 6.30 7.19 5.32
CA ASN A 185 7.25 8.26 4.97
C ASN A 185 6.48 9.48 4.42
N LEU A 186 5.79 10.19 5.29
CA LEU A 186 4.98 11.37 4.92
C LEU A 186 5.88 12.60 4.81
N ASN A 187 5.30 13.69 4.32
CA ASN A 187 5.99 14.98 4.13
C ASN A 187 6.67 15.34 5.46
N ALA A 188 8.00 15.39 5.47
CA ALA A 188 8.84 15.73 6.63
C ALA A 188 8.27 16.96 7.35
N ALA A 189 8.05 18.07 6.66
CA ALA A 189 7.63 19.36 7.26
C ALA A 189 6.30 19.16 7.96
N GLU A 190 5.37 18.45 7.32
CA GLU A 190 3.94 18.42 7.70
C GLU A 190 3.77 17.49 8.92
N TRP A 191 4.66 16.51 9.06
CA TRP A 191 4.69 15.58 10.20
C TRP A 191 5.67 16.04 11.29
N ILE A 192 6.66 16.87 10.97
CA ILE A 192 7.36 17.67 12.01
C ILE A 192 6.33 18.61 12.63
N ILE A 193 5.55 19.35 11.82
CA ILE A 193 4.49 20.30 12.30
C ILE A 193 3.56 19.51 13.22
N TRP A 194 2.99 18.42 12.72
CA TRP A 194 1.89 17.66 13.38
C TRP A 194 2.31 17.20 14.77
N TRP A 195 3.54 16.73 14.91
CA TRP A 195 4.12 16.17 16.15
C TRP A 195 4.48 17.29 17.13
N LEU A 196 5.21 18.32 16.68
CA LEU A 196 5.48 19.57 17.46
C LEU A 196 4.20 20.11 18.09
N ARG A 197 3.02 19.79 17.52
CA ARG A 197 1.72 20.22 18.06
C ARG A 197 1.37 19.32 19.25
N ALA A 198 1.25 18.01 19.01
CA ALA A 198 0.80 17.02 20.02
C ALA A 198 1.86 16.86 21.11
N LEU A 199 2.98 17.59 21.01
CA LEU A 199 4.15 17.56 21.96
C LEU A 199 4.15 18.81 22.87
N LYS A 200 3.25 19.76 22.62
CA LYS A 200 2.97 20.87 23.59
C LYS A 200 2.47 20.22 24.88
N THR A 201 2.71 20.88 26.03
CA THR A 201 2.34 20.43 27.40
C THR A 201 0.83 20.14 27.51
N VAL A 202 -0.01 21.02 26.94
CA VAL A 202 -1.50 20.83 26.81
C VAL A 202 -1.79 19.60 25.93
N GLY A 203 -3.06 19.31 25.67
CA GLY A 203 -3.48 18.22 24.76
C GLY A 203 -3.27 16.85 25.38
N GLN A 204 -2.71 16.83 26.60
CA GLN A 204 -2.75 15.70 27.56
C GLN A 204 -4.17 15.62 28.14
N GLN A 205 -4.95 16.72 28.09
CA GLN A 205 -6.40 16.77 28.44
C GLN A 205 -7.17 15.93 27.43
N LEU A 206 -7.41 14.64 27.76
CA LEU A 206 -7.99 13.61 26.85
C LEU A 206 -9.45 13.40 27.25
N ALA A 207 -10.36 13.45 26.29
CA ALA A 207 -11.83 13.48 26.54
C ALA A 207 -12.60 12.69 25.47
N SER A 208 -13.47 11.77 25.91
CA SER A 208 -14.55 11.16 25.07
C SER A 208 -15.64 12.19 24.85
N ILE A 209 -16.65 11.86 24.04
CA ILE A 209 -17.87 12.70 23.86
C ILE A 209 -19.02 12.01 24.61
N GLU A 210 -19.80 12.79 25.39
CA GLU A 210 -20.89 12.28 26.27
C GLU A 210 -21.86 11.41 25.45
N GLY A 211 -21.96 10.14 25.83
CA GLY A 211 -22.89 9.16 25.23
C GLY A 211 -22.61 8.96 23.75
N GLY A 212 -21.32 8.79 23.41
CA GLY A 212 -20.84 8.35 22.08
C GLY A 212 -20.21 9.49 21.31
N SER A 213 -19.42 9.17 20.28
CA SER A 213 -18.79 10.16 19.37
C SER A 213 -19.80 10.57 18.30
N ALA A 214 -20.64 9.63 17.85
CA ALA A 214 -21.79 9.87 16.96
C ALA A 214 -22.83 10.75 17.66
N ARG A 215 -22.74 10.94 18.98
CA ARG A 215 -23.59 11.95 19.65
C ARG A 215 -23.43 13.28 18.87
N LEU A 216 -22.20 13.66 18.51
CA LEU A 216 -21.90 14.92 17.78
C LEU A 216 -22.63 14.96 16.44
N THR A 217 -22.78 13.83 15.76
CA THR A 217 -23.52 13.76 14.46
C THR A 217 -24.99 14.17 14.70
N ALA A 218 -25.64 13.53 15.69
CA ALA A 218 -27.07 13.72 16.06
C ALA A 218 -27.35 15.21 16.32
N GLN A 219 -26.67 15.77 17.30
CA GLN A 219 -26.82 17.17 17.77
C GLN A 219 -26.69 18.14 16.58
N LEU A 220 -25.83 17.83 15.61
CA LEU A 220 -25.59 18.66 14.41
C LEU A 220 -26.74 18.51 13.42
N LEU A 221 -27.50 17.41 13.41
CA LEU A 221 -28.73 17.27 12.56
C LEU A 221 -29.94 17.92 13.27
N ALA A 222 -29.94 17.94 14.61
CA ALA A 222 -31.05 18.44 15.47
C ALA A 222 -31.11 19.97 15.44
N ARG A 223 -29.96 20.61 15.21
CA ARG A 223 -29.83 22.06 14.91
C ARG A 223 -29.86 22.26 13.39
N LEU A 224 -29.63 21.20 12.61
CA LEU A 224 -29.68 21.25 11.12
C LEU A 224 -31.07 20.82 10.64
N ARG A 225 -32.00 20.57 11.56
CA ARG A 225 -33.42 20.35 11.23
C ARG A 225 -34.20 21.63 11.52
N SER A 226 -33.83 22.37 12.58
CA SER A 226 -34.45 23.67 12.99
C SER A 226 -34.00 24.83 12.10
N HIS A 227 -33.16 24.56 11.07
CA HIS A 227 -32.80 25.52 9.99
C HIS A 227 -33.62 25.22 8.74
N ALA A 228 -34.51 26.15 8.36
CA ALA A 228 -35.58 26.01 7.35
C ALA A 228 -35.00 25.81 5.94
N ASN A 229 -33.86 26.45 5.67
CA ASN A 229 -33.26 26.61 4.31
C ASN A 229 -32.28 25.45 4.02
N VAL A 230 -32.42 24.30 4.70
CA VAL A 230 -31.53 23.10 4.55
C VAL A 230 -32.37 21.85 4.28
N THR A 231 -32.28 21.27 3.09
CA THR A 231 -32.82 19.93 2.76
C THR A 231 -31.68 18.90 2.81
N LEU A 232 -31.68 18.00 3.82
CA LEU A 232 -30.78 16.82 4.01
C LEU A 232 -31.31 15.67 3.15
N ALA A 233 -30.50 15.08 2.27
CA ALA A 233 -30.94 14.06 1.29
C ALA A 233 -29.92 12.90 1.27
N GLY A 234 -29.98 12.04 2.30
CA GLY A 234 -29.35 10.70 2.35
C GLY A 234 -29.61 9.92 1.07
N GLY A 235 -28.88 8.81 0.88
CA GLY A 235 -29.04 7.88 -0.25
C GLY A 235 -28.64 8.46 -1.60
N HIS A 236 -28.12 9.70 -1.62
CA HIS A 236 -27.73 10.46 -2.84
C HIS A 236 -26.20 10.48 -2.97
N LYS A 237 -25.69 9.98 -4.10
CA LYS A 237 -24.24 9.86 -4.41
C LYS A 237 -23.91 10.58 -5.73
N LEU A 238 -23.24 11.73 -5.62
CA LEU A 238 -22.66 12.49 -6.74
C LEU A 238 -21.78 11.56 -7.57
N VAL A 239 -22.06 11.48 -8.86
CA VAL A 239 -21.31 10.58 -9.81
C VAL A 239 -20.93 11.35 -11.07
N GLY A 240 -21.16 12.68 -11.10
CA GLY A 240 -20.86 13.55 -12.27
C GLY A 240 -20.97 15.03 -11.95
N VAL A 241 -20.17 15.86 -12.63
CA VAL A 241 -20.23 17.35 -12.58
C VAL A 241 -19.70 17.92 -13.91
N ARG A 242 -20.55 18.63 -14.63
CA ARG A 242 -20.24 19.34 -15.88
C ARG A 242 -20.69 20.77 -15.66
N PRO A 243 -20.00 21.79 -16.20
CA PRO A 243 -20.61 23.12 -16.30
C PRO A 243 -21.71 22.96 -17.36
N VAL A 244 -22.91 23.52 -17.10
CA VAL A 244 -24.07 23.45 -18.03
C VAL A 244 -23.62 24.00 -19.39
N GLU A 245 -23.27 25.28 -19.46
CA GLU A 245 -22.65 25.90 -20.67
C GLU A 245 -21.18 26.21 -20.35
N LEU A 246 -20.29 25.95 -21.32
CA LEU A 246 -18.94 26.54 -21.46
C LEU A 246 -18.98 28.01 -21.03
N GLY A 247 -18.18 28.37 -20.04
CA GLY A 247 -17.93 29.77 -19.66
C GLY A 247 -18.83 30.21 -18.54
N LYS A 248 -19.91 29.48 -18.27
CA LYS A 248 -20.99 29.93 -17.34
C LYS A 248 -20.91 29.11 -16.06
N PRO A 249 -21.21 29.72 -14.90
CA PRO A 249 -21.11 29.06 -13.60
C PRO A 249 -22.15 27.97 -13.30
N THR A 250 -23.12 27.70 -14.18
CA THR A 250 -24.19 26.74 -13.85
C THR A 250 -23.59 25.33 -13.95
N LEU A 251 -23.71 24.55 -12.85
CA LEU A 251 -23.19 23.16 -12.73
C LEU A 251 -24.34 22.16 -12.88
N ALA A 252 -24.09 21.15 -13.73
CA ALA A 252 -24.89 19.91 -13.89
C ALA A 252 -24.35 18.80 -12.96
N LEU A 253 -25.10 18.41 -11.94
CA LEU A 253 -24.76 17.27 -11.03
C LEU A 253 -25.53 16.02 -11.45
N ASP A 254 -24.84 15.00 -11.95
CA ASP A 254 -25.35 13.60 -11.96
C ASP A 254 -25.26 13.00 -10.55
N VAL A 255 -26.41 12.80 -9.92
CA VAL A 255 -26.55 12.17 -8.57
C VAL A 255 -27.32 10.87 -8.74
N ALA A 256 -26.68 9.72 -8.55
CA ALA A 256 -27.35 8.40 -8.45
C ALA A 256 -27.94 8.26 -7.04
N THR A 257 -29.15 7.71 -6.93
CA THR A 257 -29.87 7.54 -5.65
C THR A 257 -30.64 6.22 -5.71
N GLN A 258 -31.43 5.95 -4.65
CA GLN A 258 -32.21 4.70 -4.41
C GLN A 258 -33.21 4.50 -5.56
N ASN A 259 -34.19 5.40 -5.66
CA ASN A 259 -35.06 5.61 -6.85
C ASN A 259 -34.23 5.32 -8.12
N GLY A 260 -33.35 6.24 -8.52
CA GLY A 260 -32.52 6.15 -9.73
C GLY A 260 -31.70 7.41 -9.94
N ALA A 261 -31.36 7.73 -11.19
CA ALA A 261 -30.27 8.66 -11.59
C ALA A 261 -30.79 10.09 -11.85
N VAL A 262 -31.17 10.83 -10.79
CA VAL A 262 -31.62 12.26 -10.90
C VAL A 262 -30.52 13.12 -11.54
N THR A 263 -30.85 14.39 -11.85
CA THR A 263 -29.90 15.44 -12.33
C THR A 263 -30.24 16.77 -11.68
N LEU A 264 -29.56 17.10 -10.59
CA LEU A 264 -29.60 18.43 -9.93
C LEU A 264 -28.85 19.46 -10.79
N ARG A 265 -29.09 20.74 -10.48
CA ARG A 265 -28.32 21.90 -11.00
C ARG A 265 -28.07 22.86 -9.83
N THR A 266 -26.87 23.46 -9.81
CA THR A 266 -26.49 24.38 -8.73
C THR A 266 -25.53 25.45 -9.28
N GLU A 267 -25.47 26.56 -8.55
CA GLU A 267 -24.57 27.71 -8.79
C GLU A 267 -23.25 27.51 -8.02
N ARG A 268 -23.18 26.51 -7.11
CA ARG A 268 -22.01 26.27 -6.21
C ARG A 268 -22.06 24.84 -5.64
N LEU A 269 -21.10 23.99 -5.98
CA LEU A 269 -20.98 22.60 -5.44
C LEU A 269 -19.82 22.51 -4.43
N VAL A 270 -20.09 22.02 -3.22
CA VAL A 270 -19.08 21.76 -2.14
C VAL A 270 -18.79 20.26 -1.99
N LEU A 271 -17.61 19.81 -2.41
CA LEU A 271 -17.19 18.37 -2.30
C LEU A 271 -16.51 18.13 -0.95
N ALA A 272 -17.30 17.79 0.09
CA ALA A 272 -16.79 17.37 1.42
C ALA A 272 -16.46 15.88 1.34
N LEU A 273 -15.38 15.57 0.63
CA LEU A 273 -15.01 14.19 0.26
C LEU A 273 -13.52 13.97 0.47
N PRO A 274 -13.12 12.84 1.07
CA PRO A 274 -11.71 12.47 1.10
C PRO A 274 -11.21 12.04 -0.29
N ARG A 275 -9.98 11.51 -0.35
CA ARG A 275 -9.20 11.35 -1.61
C ARG A 275 -9.87 10.31 -2.51
N LEU A 276 -10.40 9.21 -1.98
CA LEU A 276 -10.85 8.09 -2.87
C LEU A 276 -12.10 8.43 -3.66
N PRO A 277 -13.15 9.00 -3.03
CA PRO A 277 -14.30 9.49 -3.80
C PRO A 277 -13.91 10.49 -4.89
N LEU A 278 -13.06 11.46 -4.53
CA LEU A 278 -12.58 12.52 -5.47
C LEU A 278 -11.87 11.89 -6.66
N LEU A 279 -11.08 10.86 -6.44
CA LEU A 279 -10.39 10.12 -7.55
C LEU A 279 -11.40 9.42 -8.44
N LYS A 280 -12.54 8.99 -7.89
CA LYS A 280 -13.58 8.27 -8.67
C LYS A 280 -14.28 9.35 -9.51
N LEU A 281 -14.26 10.62 -9.06
CA LEU A 281 -14.80 11.79 -9.82
C LEU A 281 -13.73 12.45 -10.69
N THR A 282 -12.54 11.86 -10.88
CA THR A 282 -11.36 12.66 -11.30
C THR A 282 -11.57 13.22 -12.73
N ARG A 283 -12.28 12.50 -13.58
CA ARG A 283 -12.50 12.90 -15.00
C ARG A 283 -13.41 14.13 -15.03
N HIS A 284 -14.29 14.27 -14.04
CA HIS A 284 -15.30 15.37 -13.93
C HIS A 284 -14.73 16.60 -13.19
N LEU A 285 -13.41 16.69 -13.05
CA LEU A 285 -12.76 17.76 -12.26
C LEU A 285 -11.72 18.42 -13.16
N PRO A 286 -11.53 19.76 -13.02
CA PRO A 286 -10.46 20.50 -13.70
C PRO A 286 -9.08 19.86 -13.51
N GLU A 287 -8.27 19.69 -14.57
CA GLU A 287 -6.93 19.06 -14.48
C GLU A 287 -6.21 19.71 -13.31
N HIS A 288 -6.22 21.04 -13.23
CA HIS A 288 -5.40 21.79 -12.25
C HIS A 288 -5.74 21.34 -10.83
N VAL A 289 -6.92 20.80 -10.58
CA VAL A 289 -7.30 20.24 -9.24
C VAL A 289 -7.06 18.72 -9.22
N ALA A 290 -7.61 17.99 -10.18
CA ALA A 290 -7.53 16.51 -10.27
C ALA A 290 -6.07 16.06 -10.24
N SER A 291 -5.16 16.85 -10.82
CA SER A 291 -3.71 16.57 -10.89
C SER A 291 -3.06 16.48 -9.48
N GLN A 292 -3.72 16.98 -8.43
CA GLN A 292 -3.15 17.10 -7.06
C GLN A 292 -3.87 16.19 -6.05
N LEU A 293 -4.87 15.42 -6.45
CA LEU A 293 -5.61 14.63 -5.45
C LEU A 293 -4.65 13.63 -4.81
N ASP A 294 -3.58 13.29 -5.52
CA ASP A 294 -2.51 12.35 -5.05
C ASP A 294 -1.43 13.11 -4.26
N SER A 295 -1.72 14.35 -3.85
CA SER A 295 -0.84 15.14 -2.98
C SER A 295 -0.91 14.59 -1.55
N VAL A 296 -1.82 13.64 -1.31
CA VAL A 296 -1.97 12.96 0.00
C VAL A 296 -2.18 11.46 -0.24
N ASN A 297 -1.85 10.65 0.76
CA ASN A 297 -2.06 9.18 0.77
C ASN A 297 -3.10 8.93 1.88
N GLY A 298 -3.98 7.96 1.69
CA GLY A 298 -4.93 7.53 2.71
C GLY A 298 -4.34 6.36 3.46
N PHE A 299 -4.11 6.43 4.77
CA PHE A 299 -3.69 5.25 5.54
C PHE A 299 -4.91 4.40 5.86
N PRO A 300 -4.82 3.06 5.73
CA PRO A 300 -5.87 2.16 6.21
C PRO A 300 -5.73 1.96 7.73
N MET A 301 -6.85 1.80 8.39
CA MET A 301 -6.92 1.31 9.78
C MET A 301 -8.10 0.35 9.81
N LEU A 302 -8.08 -0.58 10.75
CA LEU A 302 -9.14 -1.61 10.87
C LEU A 302 -9.37 -1.84 12.37
N LYS A 303 -10.62 -1.77 12.79
CA LYS A 303 -11.04 -2.05 14.18
C LYS A 303 -11.84 -3.34 14.19
N VAL A 304 -11.57 -4.16 15.20
CA VAL A 304 -12.45 -5.30 15.56
C VAL A 304 -12.79 -5.13 17.03
N PHE A 305 -14.07 -5.34 17.34
CA PHE A 305 -14.61 -5.30 18.71
C PHE A 305 -15.14 -6.70 19.03
N PHE A 306 -14.76 -7.24 20.18
CA PHE A 306 -15.38 -8.47 20.74
C PHE A 306 -16.00 -8.13 22.10
N VAL A 307 -17.25 -8.54 22.35
CA VAL A 307 -17.86 -8.43 23.71
C VAL A 307 -17.86 -9.83 24.32
N CYS A 308 -17.21 -9.93 25.48
CA CYS A 308 -16.94 -11.20 26.19
C CYS A 308 -17.89 -11.34 27.38
N SER A 309 -18.56 -12.49 27.46
CA SER A 309 -19.42 -12.89 28.61
C SER A 309 -18.56 -12.93 29.87
N THR A 310 -17.45 -13.67 29.83
CA THR A 310 -16.57 -13.99 30.98
C THR A 310 -15.16 -13.48 30.72
N PRO A 311 -14.89 -12.17 30.90
CA PRO A 311 -13.55 -11.62 30.72
C PRO A 311 -12.48 -12.37 31.53
N TRP A 312 -11.23 -12.23 31.11
CA TRP A 312 -10.06 -12.82 31.81
C TRP A 312 -9.22 -11.70 32.41
N TRP A 313 -9.65 -10.44 32.30
CA TRP A 313 -8.90 -9.22 32.72
C TRP A 313 -9.77 -8.44 33.72
N SER A 314 -9.15 -7.75 34.66
CA SER A 314 -9.85 -6.91 35.68
C SER A 314 -10.12 -5.54 35.07
N TYR A 315 -10.68 -4.61 35.84
CA TYR A 315 -10.72 -3.15 35.51
C TYR A 315 -9.27 -2.68 35.30
N GLY A 316 -9.08 -1.66 34.45
CA GLY A 316 -7.82 -0.89 34.33
C GLY A 316 -6.69 -1.70 33.71
N GLN A 317 -7.00 -2.85 33.10
CA GLN A 317 -6.03 -3.63 32.29
C GLN A 317 -5.50 -2.72 31.20
N ALA A 318 -4.18 -2.54 31.14
CA ALA A 318 -3.49 -1.58 30.25
C ALA A 318 -3.67 -2.02 28.80
N PRO A 319 -3.76 -1.07 27.84
CA PRO A 319 -3.62 -1.42 26.43
C PRO A 319 -2.23 -2.02 26.19
N GLN A 320 -2.17 -3.11 25.40
CA GLN A 320 -0.91 -3.73 24.92
C GLN A 320 -0.63 -3.36 23.46
N GLN A 321 0.54 -3.78 22.96
CA GLN A 321 1.05 -3.54 21.58
C GLN A 321 1.33 -4.91 20.92
N TYR A 322 0.35 -5.83 20.93
CA TYR A 322 0.54 -7.29 20.71
C TYR A 322 1.48 -7.56 19.53
N ALA A 323 1.23 -6.96 18.36
CA ALA A 323 2.06 -6.99 17.12
C ALA A 323 2.37 -8.42 16.65
N ASN A 324 2.91 -9.26 17.56
CA ASN A 324 3.41 -10.64 17.30
C ASN A 324 2.33 -11.66 17.65
N CYS A 325 1.97 -11.71 18.95
CA CYS A 325 1.01 -12.62 19.62
C CYS A 325 -0.31 -12.66 18.83
N MET A 326 -0.75 -11.49 18.39
CA MET A 326 -1.87 -11.28 17.44
C MET A 326 -1.39 -10.52 16.21
N PRO A 327 -1.97 -10.78 15.02
CA PRO A 327 -1.94 -9.81 13.94
C PRO A 327 -2.84 -8.62 14.32
N THR A 328 -2.30 -7.66 15.08
CA THR A 328 -2.92 -6.36 15.42
C THR A 328 -1.77 -5.42 15.78
N ARG A 329 -2.00 -4.13 16.00
CA ARG A 329 -0.98 -3.25 16.61
C ARG A 329 -1.35 -3.06 18.08
N GLU A 330 -2.39 -2.30 18.37
CA GLU A 330 -2.91 -2.13 19.74
C GLU A 330 -3.97 -3.21 20.01
N ILE A 331 -4.06 -3.69 21.25
CA ILE A 331 -5.25 -4.40 21.78
C ILE A 331 -5.69 -3.69 23.06
N HIS A 332 -6.89 -3.08 23.05
CA HIS A 332 -7.47 -2.28 24.15
C HIS A 332 -8.51 -3.09 24.91
N TYR A 333 -8.66 -2.83 26.22
CA TYR A 333 -9.44 -3.65 27.17
C TYR A 333 -10.50 -2.80 27.88
N PHE A 334 -11.76 -3.27 27.89
CA PHE A 334 -12.93 -2.55 28.49
C PHE A 334 -13.78 -3.47 29.39
N ARG A 335 -14.08 -3.00 30.59
CA ARG A 335 -15.11 -3.61 31.47
C ARG A 335 -16.14 -2.53 31.82
N ARG A 336 -17.35 -2.94 32.19
CA ARG A 336 -18.41 -2.02 32.68
C ARG A 336 -17.89 -1.35 33.95
N PRO A 337 -18.32 -0.11 34.30
CA PRO A 337 -17.83 0.54 35.51
C PRO A 337 -18.07 -0.33 36.74
N PRO A 338 -17.14 -0.35 37.74
CA PRO A 338 -17.30 -1.17 38.94
C PRO A 338 -18.45 -0.74 39.87
N GLU A 339 -19.00 0.45 39.62
CA GLU A 339 -20.18 1.03 40.30
C GLU A 339 -21.46 0.60 39.57
N ALA A 340 -21.35 -0.22 38.52
CA ALA A 340 -22.49 -0.88 37.81
C ALA A 340 -22.15 -2.37 37.66
N ASP A 341 -21.88 -2.86 36.46
CA ASP A 341 -21.59 -4.30 36.23
C ASP A 341 -22.85 -5.11 36.55
N ALA A 342 -23.87 -5.01 35.69
CA ALA A 342 -25.14 -5.79 35.77
C ALA A 342 -24.95 -7.23 35.25
N ASP A 343 -23.78 -7.52 34.65
CA ASP A 343 -23.44 -8.85 34.11
C ASP A 343 -21.92 -9.10 34.18
N GLY A 344 -21.11 -8.08 34.52
CA GLY A 344 -19.65 -8.25 34.68
C GLY A 344 -18.91 -8.40 33.35
N HIS A 345 -19.58 -8.13 32.23
CA HIS A 345 -19.03 -8.32 30.87
C HIS A 345 -17.87 -7.33 30.61
N GLY A 346 -17.20 -7.57 29.50
CA GLY A 346 -16.05 -6.78 29.02
C GLY A 346 -15.91 -6.85 27.52
N MET A 347 -15.13 -5.93 26.97
CA MET A 347 -14.97 -5.74 25.50
C MET A 347 -13.49 -5.52 25.17
N VAL A 348 -13.07 -6.10 24.06
CA VAL A 348 -11.71 -6.02 23.47
C VAL A 348 -11.79 -5.30 22.13
N LEU A 349 -10.97 -4.25 21.99
CA LEU A 349 -10.68 -3.57 20.70
C LEU A 349 -9.32 -4.02 20.17
N LEU A 350 -9.31 -4.77 19.06
CA LEU A 350 -8.15 -4.88 18.13
C LEU A 350 -8.17 -3.67 17.18
N TYR A 351 -7.22 -2.75 17.35
CA TYR A 351 -6.98 -1.55 16.53
C TYR A 351 -5.71 -1.76 15.72
N MET A 352 -5.75 -1.81 14.38
CA MET A 352 -4.54 -2.16 13.60
C MET A 352 -4.35 -1.32 12.34
N ASP A 353 -3.08 -1.11 11.96
CA ASP A 353 -2.64 -0.40 10.73
C ASP A 353 -2.04 -1.44 9.79
N ARG A 354 -1.41 -1.00 8.70
CA ARG A 354 -0.67 -1.89 7.78
C ARG A 354 0.46 -2.51 8.59
N PRO A 355 0.75 -3.83 8.48
CA PRO A 355 0.10 -4.74 7.53
C PRO A 355 -0.93 -5.70 8.14
N SER A 356 -1.18 -5.56 9.44
CA SER A 356 -2.17 -6.36 10.19
C SER A 356 -3.54 -6.22 9.50
N THR A 357 -3.86 -5.03 8.98
CA THR A 357 -5.12 -4.76 8.23
C THR A 357 -5.36 -5.84 7.16
N GLU A 358 -4.33 -6.27 6.44
CA GLU A 358 -4.41 -7.30 5.37
C GLU A 358 -4.87 -8.65 5.92
N PHE A 359 -4.57 -8.96 7.18
CA PHE A 359 -4.96 -10.24 7.82
C PHE A 359 -6.48 -10.34 7.90
N TRP A 360 -7.12 -9.25 8.35
CA TRP A 360 -8.53 -9.21 8.82
C TRP A 360 -9.47 -8.74 7.72
N ARG A 361 -8.97 -7.86 6.85
CA ARG A 361 -9.61 -7.36 5.61
C ARG A 361 -10.62 -8.38 5.08
N HIS A 362 -10.21 -9.65 4.99
CA HIS A 362 -10.90 -10.68 4.17
C HIS A 362 -12.09 -11.27 4.92
N TYR A 363 -12.31 -10.87 6.16
CA TYR A 363 -13.42 -11.34 7.03
C TYR A 363 -14.68 -10.46 6.88
N VAL A 364 -14.66 -9.47 5.98
CA VAL A 364 -15.90 -8.71 5.62
C VAL A 364 -16.62 -9.59 4.60
N ILE A 365 -17.79 -10.11 4.94
CA ILE A 365 -18.44 -11.17 4.13
C ILE A 365 -19.00 -10.54 2.84
N ASP A 366 -19.44 -9.28 2.94
CA ASP A 366 -19.99 -8.52 1.79
C ASP A 366 -18.82 -7.83 1.09
N GLY A 367 -18.37 -8.35 -0.06
CA GLY A 367 -17.64 -7.56 -1.06
C GLY A 367 -18.55 -6.44 -1.54
N ASP A 368 -18.17 -5.72 -2.60
CA ASP A 368 -19.07 -4.74 -3.27
C ASP A 368 -19.42 -3.57 -2.34
N ARG A 369 -19.96 -3.83 -1.14
CA ARG A 369 -20.47 -2.78 -0.20
C ARG A 369 -19.95 -3.03 1.22
N HIS A 370 -19.37 -1.98 1.84
CA HIS A 370 -18.84 -1.94 3.22
C HIS A 370 -18.68 -0.47 3.64
N ASP A 371 -19.78 0.13 4.12
CA ASP A 371 -19.97 1.58 4.41
C ASP A 371 -20.11 1.82 5.91
N ARG A 372 -19.97 0.75 6.71
CA ARG A 372 -20.16 0.73 8.19
C ARG A 372 -19.74 -0.64 8.68
N ALA A 373 -19.59 -0.79 9.99
CA ALA A 373 -19.19 -2.04 10.68
C ALA A 373 -20.07 -3.22 10.22
N GLU A 374 -19.49 -4.41 10.05
CA GLU A 374 -20.20 -5.73 9.97
C GLU A 374 -20.16 -6.41 11.35
N LEU A 375 -21.29 -6.41 12.07
CA LEU A 375 -21.43 -7.11 13.39
C LEU A 375 -21.94 -8.54 13.21
N ASP A 376 -21.45 -9.44 14.05
CA ASP A 376 -21.93 -10.82 14.17
C ASP A 376 -22.25 -11.43 12.79
N GLN A 377 -21.36 -11.33 11.78
CA GLN A 377 -21.62 -11.93 10.43
C GLN A 377 -20.46 -12.79 9.91
N ASN A 378 -19.42 -13.06 10.70
CA ASN A 378 -18.41 -14.09 10.33
C ASN A 378 -17.74 -14.70 11.56
N GLY A 379 -18.15 -15.91 11.94
CA GLY A 379 -17.60 -16.66 13.09
C GLY A 379 -16.09 -16.81 12.99
N ARG A 380 -15.56 -16.77 11.76
CA ARG A 380 -14.13 -16.97 11.45
C ARG A 380 -13.27 -15.87 12.08
N ILE A 381 -13.87 -14.71 12.40
CA ILE A 381 -13.21 -13.57 13.08
C ILE A 381 -12.94 -13.97 14.53
N VAL A 382 -13.86 -14.70 15.14
CA VAL A 382 -13.73 -15.17 16.54
C VAL A 382 -12.76 -16.36 16.55
N ASP A 383 -13.03 -17.36 15.73
CA ASP A 383 -12.14 -18.52 15.46
C ASP A 383 -10.65 -18.11 15.46
N ALA A 384 -10.30 -16.89 15.02
CA ALA A 384 -8.90 -16.47 14.85
C ALA A 384 -8.48 -15.60 16.03
N PHE A 385 -9.40 -14.81 16.57
CA PHE A 385 -9.19 -14.08 17.84
C PHE A 385 -8.95 -15.09 18.97
N ALA A 386 -9.82 -16.09 19.07
CA ALA A 386 -9.75 -17.18 20.07
C ALA A 386 -8.32 -17.74 20.10
N LEU A 387 -7.92 -18.45 19.05
CA LEU A 387 -6.61 -19.14 18.89
C LEU A 387 -5.46 -18.21 19.31
N PHE A 388 -5.45 -16.97 18.82
CA PHE A 388 -4.33 -16.04 19.06
C PHE A 388 -4.27 -15.71 20.56
N VAL A 389 -5.41 -15.40 21.19
CA VAL A 389 -5.43 -15.06 22.64
C VAL A 389 -5.18 -16.35 23.45
N ALA A 390 -5.83 -17.46 23.10
CA ALA A 390 -5.74 -18.77 23.77
C ALA A 390 -4.28 -19.13 24.06
N ARG A 391 -3.40 -19.05 23.06
CA ARG A 391 -1.93 -19.19 23.25
C ARG A 391 -1.47 -18.23 24.35
N ASP A 392 -1.70 -16.93 24.19
CA ASP A 392 -1.13 -15.86 25.05
C ASP A 392 -1.61 -15.96 26.50
N VAL A 393 -2.79 -16.55 26.76
CA VAL A 393 -3.37 -16.57 28.13
C VAL A 393 -3.04 -17.89 28.84
N LYS A 394 -2.52 -18.89 28.12
CA LYS A 394 -1.86 -20.08 28.75
C LYS A 394 -0.44 -19.66 29.21
N ARG A 395 0.24 -18.85 28.41
CA ARG A 395 1.62 -18.33 28.66
C ARG A 395 1.60 -17.33 29.81
N ALA A 396 0.50 -16.58 29.99
CA ALA A 396 0.38 -15.45 30.95
C ALA A 396 0.04 -15.96 32.35
N ALA A 397 -0.64 -17.12 32.45
CA ALA A 397 -0.91 -17.81 33.72
C ALA A 397 0.44 -18.08 34.41
N ALA A 398 1.36 -18.79 33.72
CA ALA A 398 2.72 -19.13 34.18
C ALA A 398 3.52 -17.87 34.50
N SER A 399 4.09 -17.18 33.51
CA SER A 399 5.01 -16.01 33.68
C SER A 399 4.56 -15.15 34.88
N GLU A 400 3.28 -14.75 34.94
CA GLU A 400 2.70 -13.82 35.95
C GLU A 400 3.35 -12.43 35.78
N GLU A 401 4.58 -12.36 35.25
CA GLU A 401 5.28 -11.12 34.82
C GLU A 401 4.85 -10.74 33.40
N SER A 402 3.89 -11.45 32.80
CA SER A 402 3.20 -11.06 31.54
C SER A 402 2.37 -9.80 31.77
N ALA A 403 2.13 -9.00 30.72
CA ALA A 403 1.38 -7.73 30.77
C ALA A 403 -0.13 -8.01 30.92
N LEU A 404 -0.55 -9.26 30.69
CA LEU A 404 -1.97 -9.69 30.80
C LEU A 404 -2.33 -9.92 32.27
N LYS A 405 -2.77 -8.88 32.97
CA LYS A 405 -3.21 -8.93 34.39
C LYS A 405 -3.67 -10.35 34.74
N LEU A 406 -4.76 -10.83 34.13
CA LEU A 406 -5.36 -12.18 34.37
C LEU A 406 -6.02 -12.25 35.76
N THR A 407 -7.34 -12.41 35.81
CA THR A 407 -8.10 -12.60 37.06
C THR A 407 -7.71 -13.94 37.69
N ASP A 408 -7.89 -14.06 39.00
CA ASP A 408 -7.57 -15.30 39.75
C ASP A 408 -8.46 -16.41 39.17
N HIS A 409 -9.75 -16.13 38.96
CA HIS A 409 -10.69 -17.11 38.37
C HIS A 409 -10.11 -17.61 37.03
N ALA A 410 -9.65 -16.69 36.18
CA ALA A 410 -9.09 -16.99 34.84
C ALA A 410 -7.73 -17.69 34.98
N ARG A 411 -6.87 -17.20 35.89
CA ARG A 411 -5.48 -17.72 36.08
C ARG A 411 -5.53 -19.24 36.29
N ARG A 412 -6.45 -19.70 37.14
CA ARG A 412 -6.65 -21.13 37.49
C ARG A 412 -7.25 -21.86 36.29
N ILE A 413 -8.49 -21.52 35.92
CA ILE A 413 -9.34 -22.30 34.95
C ILE A 413 -8.55 -22.54 33.66
N PHE A 414 -7.66 -21.62 33.29
CA PHE A 414 -6.81 -21.70 32.07
C PHE A 414 -5.69 -22.72 32.31
N GLY A 415 -5.02 -22.66 33.48
CA GLY A 415 -4.07 -23.69 33.94
C GLY A 415 -4.48 -25.10 33.52
N ASP A 416 -5.80 -25.41 33.53
CA ASP A 416 -6.39 -26.78 33.43
C ASP A 416 -6.82 -27.11 32.01
N LEU A 417 -7.30 -26.13 31.25
CA LEU A 417 -7.87 -26.33 29.89
C LEU A 417 -6.74 -26.48 28.87
N SER A 418 -6.96 -27.34 27.85
CA SER A 418 -5.93 -27.87 26.93
C SER A 418 -5.74 -26.96 25.72
N LEU A 419 -5.52 -25.67 25.91
CA LEU A 419 -5.33 -24.71 24.80
C LEU A 419 -6.44 -24.90 23.75
N ALA A 420 -6.57 -26.06 23.10
CA ALA A 420 -7.70 -26.40 22.18
C ALA A 420 -9.05 -26.11 22.86
N GLU A 421 -9.10 -26.15 24.19
CA GLU A 421 -10.31 -25.85 24.99
C GLU A 421 -10.28 -24.39 25.43
N THR A 422 -9.11 -23.83 25.72
CA THR A 422 -8.96 -22.38 26.01
C THR A 422 -9.46 -21.58 24.80
N THR A 423 -9.11 -22.01 23.58
CA THR A 423 -9.70 -21.60 22.29
C THR A 423 -11.22 -21.51 22.45
N GLN A 424 -11.86 -22.67 22.64
CA GLN A 424 -13.34 -22.84 22.70
C GLN A 424 -13.94 -22.03 23.86
N TYR A 425 -13.30 -21.98 25.01
CA TYR A 425 -13.83 -21.20 26.15
C TYR A 425 -14.00 -19.75 25.69
N ILE A 426 -12.97 -19.17 25.07
CA ILE A 426 -12.97 -17.76 24.53
C ILE A 426 -13.97 -17.65 23.37
N ARG A 427 -13.96 -18.60 22.43
CA ARG A 427 -14.89 -18.59 21.27
C ARG A 427 -16.33 -18.53 21.81
N ASN A 428 -16.64 -19.32 22.83
CA ASN A 428 -18.00 -19.37 23.41
C ASN A 428 -18.30 -18.05 24.10
N SER A 429 -17.28 -17.47 24.73
CA SER A 429 -17.41 -16.28 25.61
C SER A 429 -17.95 -15.08 24.83
N ILE A 430 -17.85 -15.08 23.50
CA ILE A 430 -18.14 -13.86 22.69
C ILE A 430 -19.65 -13.73 22.51
N ILE A 431 -20.21 -12.58 22.90
CA ILE A 431 -21.67 -12.28 22.85
C ILE A 431 -21.97 -11.68 21.49
N THR A 432 -21.23 -10.63 21.15
CA THR A 432 -21.32 -9.86 19.89
C THR A 432 -19.91 -9.42 19.49
N TYR A 433 -19.65 -9.32 18.18
CA TYR A 433 -18.37 -8.83 17.62
C TYR A 433 -18.63 -8.06 16.32
N GLY A 434 -17.72 -7.14 15.99
CA GLY A 434 -17.82 -6.28 14.80
C GLY A 434 -16.45 -5.92 14.21
N ILE A 435 -16.44 -5.58 12.92
CA ILE A 435 -15.23 -5.23 12.13
C ILE A 435 -15.57 -4.05 11.20
N ARG A 436 -14.75 -3.01 11.20
CA ARG A 436 -14.81 -1.90 10.22
C ARG A 436 -13.45 -1.81 9.51
N ASP A 437 -13.43 -2.02 8.20
CA ASP A 437 -12.24 -1.89 7.30
C ASP A 437 -12.32 -0.55 6.57
N TRP A 438 -11.76 0.50 7.15
CA TRP A 438 -11.86 1.91 6.68
C TRP A 438 -11.19 2.11 5.32
N ALA A 439 -10.43 1.13 4.82
CA ALA A 439 -9.69 1.24 3.55
C ALA A 439 -10.68 1.01 2.42
N ARG A 440 -11.92 0.70 2.78
CA ARG A 440 -12.95 0.29 1.79
C ARG A 440 -13.71 1.53 1.34
N ALA A 441 -14.13 1.52 0.07
CA ALA A 441 -15.04 2.52 -0.54
C ALA A 441 -16.27 2.70 0.34
N PRO A 442 -16.79 3.95 0.46
CA PRO A 442 -16.30 5.09 -0.29
C PRO A 442 -15.37 6.00 0.53
N TYR A 443 -14.69 5.46 1.55
CA TYR A 443 -13.73 6.21 2.40
C TYR A 443 -12.30 5.99 1.90
N GLY A 444 -11.92 4.72 1.71
CA GLY A 444 -10.59 4.33 1.20
C GLY A 444 -9.46 4.67 2.16
N ALA A 445 -9.78 5.02 3.41
CA ALA A 445 -8.81 5.52 4.40
C ALA A 445 -9.51 5.97 5.70
N ALA A 446 -8.87 5.75 6.84
CA ALA A 446 -9.26 6.28 8.16
C ALA A 446 -8.75 7.73 8.28
N ASN A 447 -7.61 8.02 7.69
CA ASN A 447 -7.10 9.41 7.62
C ASN A 447 -6.04 9.49 6.54
N HIS A 448 -5.62 10.71 6.22
CA HIS A 448 -4.76 11.04 5.05
C HIS A 448 -3.48 11.73 5.55
N GLY A 449 -2.44 11.82 4.71
CA GLY A 449 -1.15 12.47 5.02
C GLY A 449 -0.53 13.13 3.82
N TRP A 450 -0.04 14.35 3.98
CA TRP A 450 0.65 15.04 2.88
C TRP A 450 1.83 14.18 2.43
N GLN A 451 2.26 14.37 1.20
CA GLN A 451 3.31 13.55 0.54
C GLN A 451 4.56 14.40 0.43
N PRO A 452 5.75 13.79 0.58
CA PRO A 452 6.97 14.51 0.26
C PRO A 452 6.83 15.18 -1.12
N GLY A 453 7.25 16.43 -1.20
CA GLY A 453 7.26 17.20 -2.45
C GLY A 453 6.16 18.22 -2.43
N VAL A 454 5.08 17.94 -1.68
CA VAL A 454 3.85 18.78 -1.75
C VAL A 454 4.05 20.03 -0.89
N ARG A 455 3.74 21.19 -1.46
CA ARG A 455 3.53 22.43 -0.70
C ARG A 455 2.05 22.49 -0.32
N SER A 456 1.68 21.89 0.81
CA SER A 456 0.29 21.76 1.28
C SER A 456 -0.46 23.07 1.01
N TRP A 457 0.19 24.22 1.24
CA TRP A 457 -0.48 25.55 1.23
C TRP A 457 -0.89 25.90 -0.19
N LYS A 458 -0.19 25.36 -1.17
CA LYS A 458 -0.53 25.57 -2.59
C LYS A 458 -1.80 24.76 -2.90
N VAL A 459 -1.87 23.53 -2.38
CA VAL A 459 -3.05 22.62 -2.56
C VAL A 459 -4.28 23.21 -1.85
N MET A 460 -4.17 23.56 -0.56
CA MET A 460 -5.30 24.01 0.28
C MET A 460 -5.95 25.26 -0.34
N GLU A 461 -5.15 26.17 -0.91
CA GLU A 461 -5.57 27.43 -1.60
C GLU A 461 -6.33 27.11 -2.91
N ALA A 462 -5.77 26.23 -3.73
CA ALA A 462 -6.38 25.72 -4.98
C ALA A 462 -7.68 24.98 -4.65
N PHE A 463 -7.72 24.18 -3.58
CA PHE A 463 -8.86 23.29 -3.27
C PHE A 463 -10.01 24.10 -2.65
N LYS A 464 -9.72 25.13 -1.84
CA LYS A 464 -10.75 25.88 -1.04
C LYS A 464 -11.81 26.49 -1.98
N ALA A 465 -11.46 26.79 -3.23
CA ALA A 465 -12.34 27.46 -4.23
C ALA A 465 -11.71 27.38 -5.61
N PHE A 466 -12.47 26.92 -6.61
CA PHE A 466 -12.01 26.76 -8.01
C PHE A 466 -13.22 26.67 -8.96
N ASP A 467 -12.98 26.56 -10.27
CA ASP A 467 -14.05 26.50 -11.27
C ASP A 467 -13.52 25.88 -12.57
N PHE A 468 -14.39 25.71 -13.56
CA PHE A 468 -14.03 25.02 -14.83
C PHE A 468 -13.34 25.96 -15.79
N GLY A 469 -13.21 27.25 -15.46
CA GLY A 469 -12.48 28.23 -16.31
C GLY A 469 -13.29 29.47 -16.64
N SER A 470 -14.22 29.84 -15.78
CA SER A 470 -15.00 31.10 -15.88
C SER A 470 -14.36 32.14 -14.96
N GLY A 471 -13.75 31.71 -13.85
CA GLY A 471 -13.44 32.55 -12.66
C GLY A 471 -14.59 32.58 -11.67
N ALA A 472 -15.69 31.88 -11.98
CA ALA A 472 -16.88 31.76 -11.11
C ALA A 472 -16.53 31.47 -9.63
N ARG A 473 -15.43 30.72 -9.39
CA ARG A 473 -14.95 30.23 -8.06
C ARG A 473 -16.09 29.57 -7.30
N ASN A 474 -16.74 28.58 -7.94
CA ASN A 474 -18.02 27.97 -7.47
C ASN A 474 -17.91 26.43 -7.33
N LEU A 475 -16.69 25.87 -7.20
CA LEU A 475 -16.47 24.50 -6.68
C LEU A 475 -15.44 24.59 -5.54
N HIS A 476 -15.56 23.66 -4.58
CA HIS A 476 -14.78 23.61 -3.32
C HIS A 476 -14.52 22.16 -2.92
N ILE A 477 -13.38 21.91 -2.30
CA ILE A 477 -13.06 20.64 -1.61
C ILE A 477 -12.82 21.03 -0.16
N VAL A 478 -13.40 20.24 0.74
CA VAL A 478 -13.33 20.43 2.22
C VAL A 478 -13.28 19.03 2.86
N GLY A 479 -12.64 18.92 4.02
CA GLY A 479 -12.47 17.65 4.73
C GLY A 479 -11.06 17.52 5.28
N GLU A 480 -10.90 16.63 6.25
CA GLU A 480 -9.62 16.21 6.87
C GLU A 480 -8.53 16.05 5.80
N ALA A 481 -8.84 15.30 4.74
CA ALA A 481 -7.86 14.70 3.81
C ALA A 481 -6.85 15.74 3.32
N TYR A 482 -7.29 16.90 2.86
CA TYR A 482 -6.40 17.96 2.32
C TYR A 482 -6.38 19.14 3.30
N SER A 483 -6.42 18.88 4.62
CA SER A 483 -6.49 19.89 5.70
C SER A 483 -5.09 20.24 6.21
N ASP A 484 -4.97 21.22 7.11
CA ASP A 484 -3.69 21.55 7.82
C ASP A 484 -3.65 20.85 9.18
N TYR A 485 -4.56 19.90 9.43
CA TYR A 485 -4.53 19.15 10.70
C TYR A 485 -5.07 17.74 10.44
N GLN A 486 -4.39 17.05 9.54
CA GLN A 486 -4.78 15.69 9.06
C GLN A 486 -4.80 14.74 10.26
N GLY A 487 -5.74 13.79 10.23
CA GLY A 487 -5.94 12.77 11.28
C GLY A 487 -7.10 13.12 12.18
N PHE A 488 -7.39 14.41 12.33
CA PHE A 488 -8.32 14.90 13.38
C PHE A 488 -9.51 15.62 12.74
N ILE A 489 -10.64 15.65 13.46
CA ILE A 489 -11.82 16.47 13.06
C ILE A 489 -11.40 17.96 12.98
N GLU A 490 -10.42 18.38 13.77
CA GLU A 490 -9.95 19.80 13.75
C GLU A 490 -9.58 20.18 12.31
N GLY A 491 -8.79 19.32 11.64
CA GLY A 491 -8.41 19.49 10.22
C GLY A 491 -9.65 19.60 9.34
N ALA A 492 -10.56 18.63 9.44
CA ALA A 492 -11.85 18.70 8.72
C ALA A 492 -12.49 20.08 8.93
N LEU A 493 -12.40 20.66 10.14
CA LEU A 493 -13.07 21.96 10.44
C LEU A 493 -12.26 23.11 9.84
N ASN A 494 -10.95 23.13 10.06
CA ASN A 494 -10.04 24.14 9.46
C ASN A 494 -10.35 24.24 7.96
N SER A 495 -10.49 23.08 7.31
CA SER A 495 -10.75 22.89 5.86
C SER A 495 -12.07 23.56 5.48
N ALA A 496 -13.12 23.27 6.24
CA ALA A 496 -14.47 23.83 5.98
C ALA A 496 -14.36 25.35 5.95
N GLU A 497 -13.74 25.94 6.98
CA GLU A 497 -13.55 27.41 7.10
C GLU A 497 -12.89 27.95 5.82
N LEU A 498 -11.67 27.50 5.50
CA LEU A 498 -10.92 27.94 4.29
C LEU A 498 -11.87 28.19 3.11
N ALA A 499 -12.81 27.28 2.85
CA ALA A 499 -13.77 27.38 1.72
C ALA A 499 -14.91 28.34 2.07
N LEU A 500 -15.41 28.31 3.31
CA LEU A 500 -16.52 29.18 3.78
C LEU A 500 -16.17 30.62 3.42
N ALA A 501 -14.93 31.02 3.74
CA ALA A 501 -14.43 32.41 3.62
C ALA A 501 -14.56 32.88 2.16
N THR A 502 -14.62 31.95 1.20
CA THR A 502 -14.64 32.26 -0.26
C THR A 502 -16.07 32.20 -0.78
N ILE A 503 -17.08 32.03 0.09
CA ILE A 503 -18.52 31.97 -0.29
C ILE A 503 -19.23 33.20 0.28
N PRO A 504 -19.60 34.21 -0.55
CA PRO A 504 -20.29 35.39 -0.06
C PRO A 504 -21.73 35.08 0.37
N ALA A 505 -22.34 35.95 1.19
CA ALA A 505 -23.74 35.88 1.67
C ALA A 505 -24.69 36.05 0.49
N PRO A 506 -25.98 35.66 0.60
CA PRO A 506 -26.83 35.43 -0.57
C PRO A 506 -27.19 36.69 -1.38
N THR B 1 -4.03 4.50 -40.93
CA THR B 1 -3.66 3.14 -41.44
C THR B 1 -4.62 2.10 -40.84
N THR B 2 -4.31 0.81 -41.06
CA THR B 2 -5.09 -0.37 -40.59
C THR B 2 -4.15 -1.57 -40.55
N HIS B 3 -4.31 -2.47 -39.56
CA HIS B 3 -3.41 -3.63 -39.34
C HIS B 3 -4.20 -4.89 -38.97
N ASP B 4 -3.71 -6.05 -39.40
CA ASP B 4 -4.30 -7.38 -39.05
C ASP B 4 -4.44 -7.47 -37.52
N ILE B 5 -3.32 -7.27 -36.82
CA ILE B 5 -3.16 -7.49 -35.35
C ILE B 5 -2.23 -6.42 -34.77
N VAL B 6 -2.73 -5.59 -33.86
CA VAL B 6 -1.88 -4.71 -32.99
C VAL B 6 -1.53 -5.50 -31.71
N ILE B 7 -0.30 -5.33 -31.22
CA ILE B 7 0.12 -5.76 -29.85
C ILE B 7 0.58 -4.56 -29.02
N ALA B 8 -0.28 -4.00 -28.15
CA ALA B 8 0.11 -2.99 -27.13
C ALA B 8 1.04 -3.63 -26.10
N GLY B 9 2.23 -3.06 -25.91
CA GLY B 9 3.22 -3.55 -24.94
C GLY B 9 4.27 -4.41 -25.61
N GLY B 10 5.53 -3.94 -25.59
CA GLY B 10 6.70 -4.63 -26.16
C GLY B 10 7.58 -5.21 -25.08
N GLY B 11 6.98 -5.72 -24.00
CA GLY B 11 7.70 -6.44 -22.94
C GLY B 11 7.87 -7.88 -23.37
N ILE B 12 8.43 -8.73 -22.51
CA ILE B 12 8.83 -10.09 -22.95
C ILE B 12 7.61 -10.79 -23.56
N SER B 13 6.42 -10.62 -22.99
CA SER B 13 5.19 -11.35 -23.39
C SER B 13 4.63 -10.72 -24.67
N GLY B 14 4.59 -9.39 -24.74
CA GLY B 14 4.24 -8.64 -25.96
C GLY B 14 5.03 -9.14 -27.16
N LEU B 15 6.29 -9.53 -26.97
CA LEU B 15 7.23 -9.82 -28.09
C LEU B 15 7.17 -11.31 -28.43
N PHE B 16 7.08 -12.18 -27.43
CA PHE B 16 6.89 -13.65 -27.63
C PHE B 16 5.57 -13.86 -28.37
N CYS B 17 4.63 -12.93 -28.25
CA CYS B 17 3.36 -12.92 -29.03
C CYS B 17 3.68 -12.42 -30.44
N ALA B 18 4.50 -11.37 -30.55
CA ALA B 18 4.91 -10.80 -31.85
C ALA B 18 5.74 -11.83 -32.64
N LEU B 19 6.36 -12.81 -31.97
CA LEU B 19 7.15 -13.87 -32.64
C LEU B 19 6.22 -15.00 -33.13
N ARG B 20 5.61 -15.77 -32.22
CA ARG B 20 4.75 -16.95 -32.55
C ARG B 20 3.64 -16.54 -33.54
N LEU B 21 3.17 -15.30 -33.52
CA LEU B 21 2.12 -14.82 -34.47
C LEU B 21 2.73 -14.51 -35.83
N ALA B 22 4.01 -14.15 -35.91
CA ALA B 22 4.74 -13.98 -37.19
C ALA B 22 4.95 -15.37 -37.81
N GLU B 23 5.44 -16.32 -37.00
CA GLU B 23 5.74 -17.74 -37.35
C GLU B 23 4.47 -18.52 -37.79
N ALA B 24 3.26 -17.98 -37.57
CA ALA B 24 1.98 -18.49 -38.13
C ALA B 24 1.49 -17.59 -39.29
N GLY B 25 2.08 -16.39 -39.45
CA GLY B 25 2.05 -15.56 -40.68
C GLY B 25 1.05 -14.40 -40.65
N HIS B 26 0.88 -13.68 -39.53
CA HIS B 26 -0.03 -12.50 -39.43
C HIS B 26 0.76 -11.21 -39.67
N ARG B 27 0.09 -10.10 -39.97
CA ARG B 27 0.72 -8.77 -40.18
C ARG B 27 0.66 -7.96 -38.87
N LEU B 28 1.60 -8.26 -37.96
CA LEU B 28 1.70 -7.71 -36.57
C LEU B 28 2.16 -6.26 -36.59
N LEU B 29 1.70 -5.51 -35.61
CA LEU B 29 2.27 -4.20 -35.21
C LEU B 29 2.44 -4.20 -33.68
N VAL B 30 3.60 -3.75 -33.17
CA VAL B 30 3.93 -3.71 -31.71
C VAL B 30 4.08 -2.26 -31.24
N LEU B 31 3.05 -1.71 -30.62
CA LEU B 31 3.10 -0.40 -29.92
C LEU B 31 3.84 -0.59 -28.59
N GLU B 32 4.62 0.40 -28.17
CA GLU B 32 5.49 0.31 -26.97
C GLU B 32 5.80 1.74 -26.53
N ALA B 33 5.41 2.10 -25.31
CA ALA B 33 5.18 3.50 -24.88
C ALA B 33 6.51 4.21 -24.80
N ALA B 34 7.57 3.41 -24.61
CA ALA B 34 8.98 3.80 -24.42
C ALA B 34 9.69 3.98 -25.77
N ALA B 35 10.26 5.16 -25.97
CA ALA B 35 10.95 5.60 -27.21
C ALA B 35 12.12 4.66 -27.56
N ASP B 36 13.04 4.46 -26.59
CA ASP B 36 14.39 3.92 -26.85
C ASP B 36 14.45 2.43 -26.53
N ARG B 37 13.77 1.98 -25.48
CA ARG B 37 13.95 0.62 -24.87
C ARG B 37 12.82 -0.34 -25.24
N TRP B 38 13.06 -1.62 -25.00
CA TRP B 38 12.13 -2.76 -25.22
C TRP B 38 12.35 -3.77 -24.10
N GLY B 39 11.33 -4.59 -23.80
CA GLY B 39 11.41 -5.72 -22.85
C GLY B 39 10.91 -5.34 -21.46
N GLY B 40 10.50 -4.08 -21.28
CA GLY B 40 10.01 -3.51 -20.02
C GLY B 40 10.83 -3.98 -18.83
N ARG B 41 10.20 -4.75 -17.93
CA ARG B 41 10.77 -5.12 -16.62
C ARG B 41 12.17 -5.73 -16.78
N ILE B 42 12.52 -6.26 -17.96
CA ILE B 42 13.92 -6.64 -18.28
C ILE B 42 14.74 -5.37 -18.49
N GLU B 43 15.65 -5.12 -17.57
CA GLU B 43 16.54 -3.92 -17.56
C GLU B 43 17.88 -4.40 -17.00
N THR B 44 18.93 -4.12 -17.80
CA THR B 44 20.36 -4.43 -17.56
C THR B 44 21.17 -3.21 -18.00
N GLU B 45 21.69 -2.40 -17.08
CA GLU B 45 22.57 -1.27 -17.39
C GLU B 45 24.01 -1.75 -17.12
N GLU B 46 24.98 -1.21 -17.86
CA GLU B 46 26.43 -1.44 -17.65
C GLU B 46 26.92 -0.32 -16.74
N MET B 47 27.46 -0.65 -15.57
CA MET B 47 27.91 0.38 -14.58
C MET B 47 29.36 0.10 -14.22
N ASP B 48 30.28 1.00 -14.60
CA ASP B 48 31.75 0.82 -14.49
C ASP B 48 32.06 -0.66 -14.79
N GLY B 49 31.47 -1.21 -15.86
CA GLY B 49 31.80 -2.54 -16.38
C GLY B 49 31.07 -3.68 -15.70
N PHE B 50 30.35 -3.41 -14.61
CA PHE B 50 29.44 -4.39 -13.95
C PHE B 50 28.09 -4.47 -14.69
N ILE B 51 27.60 -5.70 -14.81
CA ILE B 51 26.19 -6.06 -15.18
C ILE B 51 25.31 -5.79 -13.94
N ALA B 52 24.61 -4.66 -13.91
CA ALA B 52 23.59 -4.32 -12.89
C ALA B 52 22.18 -4.59 -13.45
N GLU B 53 21.53 -5.65 -12.97
CA GLU B 53 20.13 -6.01 -13.35
C GLU B 53 19.16 -5.22 -12.46
N TYR B 54 18.55 -4.18 -13.02
CA TYR B 54 17.50 -3.39 -12.35
C TYR B 54 16.21 -4.22 -12.34
N GLY B 55 16.11 -5.26 -13.15
CA GLY B 55 14.96 -6.18 -13.22
C GLY B 55 15.38 -7.57 -12.79
N PRO B 56 15.00 -8.65 -13.53
CA PRO B 56 15.40 -10.01 -13.19
C PRO B 56 16.92 -10.20 -13.38
N MET B 57 17.52 -11.04 -12.53
CA MET B 57 18.99 -11.31 -12.46
C MET B 57 19.25 -12.80 -12.72
N ARG B 58 18.71 -13.67 -11.86
CA ARG B 58 18.85 -15.15 -11.90
C ARG B 58 17.56 -15.78 -12.42
N PHE B 59 17.57 -17.10 -12.60
CA PHE B 59 16.46 -17.91 -13.20
C PHE B 59 16.64 -19.38 -12.85
N GLU B 60 15.55 -20.15 -12.86
CA GLU B 60 15.52 -21.61 -12.57
C GLU B 60 14.97 -22.31 -13.81
N PRO B 61 15.82 -22.62 -14.82
CA PRO B 61 15.31 -23.00 -16.14
C PRO B 61 14.55 -24.33 -16.09
N THR B 62 14.90 -25.19 -15.13
CA THR B 62 14.24 -26.49 -14.83
C THR B 62 12.76 -26.26 -14.53
N LEU B 63 12.47 -25.21 -13.75
CA LEU B 63 11.11 -24.80 -13.30
C LEU B 63 10.43 -24.01 -14.41
N GLN B 64 11.21 -23.27 -15.20
CA GLN B 64 10.73 -22.30 -16.21
C GLN B 64 11.07 -22.81 -17.60
N PRO B 65 10.59 -24.03 -17.99
CA PRO B 65 10.95 -24.64 -19.27
C PRO B 65 10.83 -23.71 -20.48
N ARG B 66 9.75 -22.95 -20.56
CA ARG B 66 9.40 -22.15 -21.78
C ARG B 66 10.38 -21.00 -21.91
N PHE B 67 11.06 -20.66 -20.80
CA PHE B 67 12.11 -19.61 -20.75
C PHE B 67 13.37 -20.14 -21.45
N ALA B 68 13.88 -21.28 -20.97
CA ALA B 68 14.95 -22.10 -21.59
C ALA B 68 14.72 -22.19 -23.11
N ALA B 69 13.51 -22.56 -23.54
CA ALA B 69 13.15 -22.81 -24.95
C ALA B 69 13.22 -21.52 -25.78
N LEU B 70 12.83 -20.38 -25.22
CA LEU B 70 12.91 -19.07 -25.93
C LEU B 70 14.36 -18.59 -25.86
N CYS B 71 15.11 -19.09 -24.87
CA CYS B 71 16.57 -18.81 -24.73
C CYS B 71 17.31 -19.59 -25.83
N ALA B 72 17.22 -20.92 -25.78
CA ALA B 72 17.70 -21.87 -26.83
C ALA B 72 17.38 -21.32 -28.23
N GLU B 73 16.11 -21.35 -28.65
CA GLU B 73 15.67 -20.98 -30.03
C GLU B 73 16.19 -19.59 -30.45
N LEU B 74 16.85 -18.84 -29.56
CA LEU B 74 17.31 -17.45 -29.83
C LEU B 74 18.83 -17.32 -29.72
N GLY B 75 19.52 -18.40 -29.30
CA GLY B 75 20.98 -18.40 -29.05
C GLY B 75 21.35 -17.53 -27.86
N VAL B 76 20.63 -17.71 -26.75
CA VAL B 76 20.89 -17.06 -25.45
C VAL B 76 21.30 -18.15 -24.46
N GLY B 77 22.51 -18.02 -23.92
CA GLY B 77 23.07 -19.00 -22.99
C GLY B 77 22.84 -18.57 -21.56
N LEU B 78 22.95 -19.52 -20.64
CA LEU B 78 22.69 -19.31 -19.20
C LEU B 78 23.90 -19.80 -18.40
N VAL B 79 24.83 -18.90 -18.07
CA VAL B 79 25.95 -19.17 -17.12
C VAL B 79 25.32 -19.55 -15.78
N ASP B 80 25.28 -20.85 -15.48
CA ASP B 80 24.88 -21.41 -14.15
C ASP B 80 25.54 -20.53 -13.07
N PHE B 81 24.78 -20.12 -12.05
CA PHE B 81 25.20 -19.11 -11.03
C PHE B 81 25.47 -19.84 -9.73
N PHE B 82 26.68 -19.64 -9.18
CA PHE B 82 27.21 -20.36 -8.00
C PHE B 82 27.55 -19.33 -6.92
N GLY B 83 26.77 -18.25 -6.86
CA GLY B 83 27.02 -17.12 -5.95
C GLY B 83 26.73 -17.45 -4.49
N PRO B 84 27.08 -16.54 -3.56
CA PRO B 84 27.08 -16.80 -2.11
C PRO B 84 25.72 -17.12 -1.49
N SER B 85 25.75 -17.73 -0.31
CA SER B 85 24.66 -18.55 0.29
C SER B 85 23.59 -17.64 0.90
N ALA B 86 23.75 -17.19 2.15
CA ALA B 86 22.73 -16.47 2.96
C ALA B 86 23.33 -16.03 4.30
N GLU B 100 6.43 -22.76 19.84
CA GLU B 100 7.91 -22.92 19.64
C GLU B 100 8.31 -24.38 19.94
N ARG B 101 7.48 -25.36 19.56
CA ARG B 101 7.56 -26.76 20.06
C ARG B 101 7.56 -27.76 18.89
N GLY B 102 8.73 -28.22 18.47
CA GLY B 102 8.92 -28.84 17.15
C GLY B 102 8.70 -27.82 16.06
N LEU B 103 8.90 -26.52 16.37
CA LEU B 103 8.72 -25.34 15.48
C LEU B 103 10.04 -24.51 15.52
N ASN B 104 11.20 -25.09 15.12
CA ASN B 104 12.56 -24.48 15.37
C ASN B 104 13.52 -24.77 14.20
N SER B 105 13.33 -24.06 13.08
CA SER B 105 14.02 -24.28 11.77
C SER B 105 14.03 -22.98 10.95
N LEU B 106 14.47 -23.08 9.68
CA LEU B 106 14.58 -22.04 8.62
C LEU B 106 13.29 -21.97 7.76
N GLN B 107 12.87 -23.11 7.19
CA GLN B 107 11.69 -23.23 6.29
C GLN B 107 10.65 -24.08 7.00
N LEU B 108 10.29 -23.61 8.20
CA LEU B 108 8.95 -23.74 8.82
C LEU B 108 7.88 -23.31 7.83
N LEU B 109 8.20 -22.57 6.77
CA LEU B 109 7.22 -22.25 5.70
C LEU B 109 6.70 -23.56 5.10
N LYS B 110 7.63 -24.41 4.66
CA LYS B 110 7.33 -25.77 4.15
C LYS B 110 6.56 -26.55 5.22
N ARG B 111 6.88 -26.34 6.49
CA ARG B 111 6.10 -26.97 7.58
C ARG B 111 4.62 -26.56 7.39
N GLY B 112 4.37 -25.24 7.40
CA GLY B 112 3.04 -24.62 7.28
C GLY B 112 2.29 -25.17 6.09
N ILE B 113 2.91 -25.10 4.91
CA ILE B 113 2.25 -25.50 3.65
C ILE B 113 1.79 -26.96 3.79
N MET B 114 2.73 -27.83 4.16
CA MET B 114 2.56 -29.31 4.09
C MET B 114 1.57 -29.72 5.18
N LEU B 115 1.53 -29.00 6.30
CA LEU B 115 0.42 -29.17 7.28
C LEU B 115 -0.92 -28.94 6.56
N ILE B 116 -1.08 -27.78 5.90
CA ILE B 116 -2.34 -27.36 5.18
C ILE B 116 -2.72 -28.48 4.21
N MET B 117 -1.75 -28.94 3.40
CA MET B 117 -1.96 -29.96 2.34
C MET B 117 -2.14 -31.37 2.95
N GLY B 118 -1.90 -31.53 4.26
CA GLY B 118 -2.16 -32.75 5.04
C GLY B 118 -1.06 -33.79 4.92
N ARG B 119 0.05 -33.49 4.25
CA ARG B 119 1.18 -34.43 4.07
C ARG B 119 2.11 -34.32 5.29
N ALA B 120 3.14 -35.16 5.35
CA ALA B 120 4.18 -35.10 6.40
C ALA B 120 5.07 -33.90 6.08
N PRO B 121 5.49 -33.10 7.08
CA PRO B 121 6.36 -31.94 6.82
C PRO B 121 7.75 -32.28 6.25
N ASP B 122 7.97 -33.53 5.86
CA ASP B 122 9.25 -34.04 5.27
C ASP B 122 8.94 -34.92 4.05
N ASP B 123 7.88 -34.62 3.30
CA ASP B 123 7.34 -35.52 2.23
C ASP B 123 7.89 -35.09 0.87
N GLN B 124 9.16 -34.64 0.84
CA GLN B 124 9.82 -33.95 -0.31
C GLN B 124 9.62 -34.68 -1.66
N ALA B 125 9.26 -35.95 -1.65
CA ALA B 125 9.01 -36.72 -2.90
C ALA B 125 7.68 -36.25 -3.50
N TRP B 126 6.64 -36.19 -2.65
CA TRP B 126 5.27 -35.69 -2.99
C TRP B 126 5.38 -34.34 -3.70
N ILE B 127 6.15 -33.42 -3.12
CA ILE B 127 6.43 -32.04 -3.64
C ILE B 127 7.06 -32.14 -5.04
N ASP B 128 8.08 -33.01 -5.21
CA ASP B 128 8.88 -33.08 -6.45
C ASP B 128 8.07 -33.72 -7.58
N ALA B 129 6.99 -34.44 -7.21
CA ALA B 129 6.15 -35.23 -8.14
C ALA B 129 4.97 -34.40 -8.66
N LEU B 130 4.73 -33.19 -8.10
CA LEU B 130 3.53 -32.36 -8.38
C LEU B 130 3.60 -31.79 -9.80
N THR B 131 2.53 -32.01 -10.58
CA THR B 131 2.35 -31.50 -11.97
C THR B 131 1.50 -30.23 -11.96
N GLU B 132 1.47 -29.52 -13.09
CA GLU B 132 0.59 -28.33 -13.27
C GLU B 132 -0.85 -28.79 -13.06
N ALA B 133 -1.28 -29.86 -13.75
CA ALA B 133 -2.61 -30.50 -13.63
C ALA B 133 -2.99 -30.71 -12.15
N ASP B 134 -2.01 -30.99 -11.29
CA ASP B 134 -2.16 -31.18 -9.83
C ASP B 134 -2.39 -29.83 -9.15
N TYR B 135 -1.57 -28.84 -9.53
CA TYR B 135 -1.67 -27.44 -9.03
C TYR B 135 -3.10 -26.90 -9.29
N MET B 136 -3.65 -27.18 -10.47
CA MET B 136 -5.04 -26.82 -10.85
C MET B 136 -6.02 -27.51 -9.91
N ARG B 137 -5.90 -28.83 -9.72
CA ARG B 137 -6.74 -29.62 -8.78
C ARG B 137 -6.63 -29.00 -7.38
N LEU B 138 -5.43 -28.54 -7.00
CA LEU B 138 -5.18 -27.92 -5.68
C LEU B 138 -6.02 -26.63 -5.62
N ARG B 139 -5.73 -25.69 -6.54
CA ARG B 139 -6.44 -24.40 -6.73
C ARG B 139 -7.94 -24.54 -6.56
N LYS B 140 -8.53 -25.36 -7.44
CA LYS B 140 -10.01 -25.53 -7.53
C LYS B 140 -10.57 -26.16 -6.25
N HIS B 141 -9.97 -27.23 -5.73
CA HIS B 141 -10.62 -28.18 -4.79
C HIS B 141 -10.00 -28.21 -3.38
N ALA B 142 -8.72 -27.87 -3.19
CA ALA B 142 -8.10 -27.96 -1.84
C ALA B 142 -8.77 -27.00 -0.83
N GLN B 143 -9.26 -27.56 0.29
CA GLN B 143 -9.96 -26.85 1.41
C GLN B 143 -9.06 -26.77 2.65
N LEU B 144 -9.42 -25.93 3.64
CA LEU B 144 -8.78 -25.85 4.98
C LEU B 144 -9.81 -25.34 5.98
N HIS B 145 -10.18 -26.17 6.97
CA HIS B 145 -11.26 -25.93 7.95
C HIS B 145 -12.54 -25.54 7.23
N GLY B 146 -12.85 -26.23 6.13
CA GLY B 146 -14.14 -26.17 5.42
C GLY B 146 -14.15 -25.17 4.28
N GLN B 147 -13.20 -24.22 4.29
CA GLN B 147 -13.06 -23.06 3.38
C GLN B 147 -12.16 -23.47 2.21
N PRO B 148 -12.47 -23.10 0.94
CA PRO B 148 -11.52 -23.33 -0.14
C PRO B 148 -10.32 -22.40 0.04
N LEU B 149 -9.12 -22.79 -0.41
CA LEU B 149 -7.92 -21.95 -0.18
C LEU B 149 -7.95 -20.77 -1.16
N TRP B 150 -8.55 -20.96 -2.33
CA TRP B 150 -8.72 -19.84 -3.30
C TRP B 150 -9.45 -18.66 -2.63
N ALA B 151 -10.19 -18.92 -1.55
CA ALA B 151 -10.97 -17.91 -0.81
C ALA B 151 -10.21 -17.34 0.40
N MET B 152 -8.96 -17.72 0.65
CA MET B 152 -8.30 -17.39 1.95
C MET B 152 -7.05 -16.53 1.74
N GLY B 153 -6.62 -15.84 2.77
CA GLY B 153 -5.26 -15.29 2.85
C GLY B 153 -4.25 -16.40 2.98
N PHE B 154 -3.10 -16.30 2.31
CA PHE B 154 -1.91 -17.14 2.61
C PHE B 154 -1.57 -17.01 4.10
N TRP B 155 -1.60 -15.79 4.61
CA TRP B 155 -1.29 -15.47 6.02
C TRP B 155 -2.30 -16.16 6.94
N ASN B 156 -3.57 -16.19 6.56
CA ASN B 156 -4.66 -16.77 7.40
C ASN B 156 -4.48 -18.29 7.42
N ALA B 157 -4.31 -18.92 6.26
CA ALA B 157 -4.17 -20.40 6.13
C ALA B 157 -3.01 -20.88 7.00
N LEU B 158 -1.88 -20.16 7.00
CA LEU B 158 -0.67 -20.51 7.81
C LEU B 158 -0.95 -20.34 9.31
N SER B 159 -1.90 -19.48 9.70
CA SER B 159 -2.11 -19.08 11.11
C SER B 159 -3.25 -19.91 11.70
N ALA B 160 -3.75 -20.85 10.93
CA ALA B 160 -4.96 -21.63 11.26
C ALA B 160 -4.69 -22.56 12.45
N GLN B 161 -5.76 -23.02 13.08
CA GLN B 161 -5.75 -24.13 14.06
C GLN B 161 -4.98 -25.31 13.44
N GLY B 162 -3.86 -25.69 14.06
CA GLY B 162 -3.06 -26.89 13.70
C GLY B 162 -2.08 -26.66 12.55
N ILE B 163 -1.65 -25.41 12.34
CA ILE B 163 -0.61 -25.03 11.32
C ILE B 163 0.56 -24.37 12.06
N LEU B 164 0.71 -23.04 12.02
CA LEU B 164 1.88 -22.31 12.58
C LEU B 164 1.43 -21.26 13.60
N SER B 165 2.41 -20.78 14.37
CA SER B 165 2.44 -19.52 15.15
C SER B 165 2.75 -19.86 16.62
N LYS B 171 6.15 -16.54 15.96
CA LYS B 171 5.02 -17.22 15.27
C LYS B 171 5.42 -17.50 13.82
N LEU B 172 4.77 -16.79 12.88
CA LEU B 172 5.14 -16.57 11.46
C LEU B 172 6.25 -15.53 11.39
N ARG B 173 7.45 -15.92 10.94
CA ARG B 173 8.63 -15.01 10.76
C ARG B 173 8.69 -14.54 9.30
N ASP B 174 8.10 -13.37 9.06
CA ASP B 174 8.27 -12.52 7.85
C ASP B 174 9.47 -11.59 8.08
N THR B 175 9.86 -11.36 9.34
CA THR B 175 11.04 -10.54 9.72
C THR B 175 12.35 -11.23 9.26
N GLY B 176 12.36 -12.54 9.01
CA GLY B 176 13.42 -13.24 8.26
C GLY B 176 13.02 -13.34 6.79
N THR B 177 13.55 -14.35 6.06
CA THR B 177 12.95 -14.95 4.83
C THR B 177 13.01 -14.04 3.59
N PHE B 178 12.94 -14.68 2.43
CA PHE B 178 13.04 -14.14 1.04
C PHE B 178 11.63 -14.10 0.44
N TYR B 179 10.93 -12.96 0.51
CA TYR B 179 9.77 -12.59 -0.36
C TYR B 179 8.75 -13.73 -0.52
N HIS B 180 7.90 -13.83 0.50
CA HIS B 180 6.86 -14.86 0.70
C HIS B 180 5.47 -14.20 0.76
N MET B 181 5.42 -12.86 0.85
CA MET B 181 4.21 -12.01 0.67
C MET B 181 3.13 -12.46 1.67
N ILE B 182 3.55 -12.50 2.92
CA ILE B 182 2.71 -12.75 4.12
C ILE B 182 2.00 -11.44 4.46
N PRO B 183 2.72 -10.32 4.76
CA PRO B 183 2.05 -9.04 5.00
C PRO B 183 1.27 -8.42 3.82
N GLU B 184 1.31 -9.03 2.64
CA GLU B 184 0.48 -8.66 1.47
C GLU B 184 -0.70 -9.63 1.43
N ASN B 185 -0.64 -10.68 2.22
CA ASN B 185 -1.71 -11.68 2.42
C ASN B 185 -2.35 -12.02 1.08
N LEU B 186 -1.62 -12.74 0.23
CA LEU B 186 -2.08 -13.14 -1.13
C LEU B 186 -2.98 -14.37 -1.02
N ASN B 187 -3.61 -14.72 -2.14
CA ASN B 187 -4.51 -15.90 -2.26
C ASN B 187 -3.78 -17.12 -1.70
N ALA B 188 -4.29 -17.68 -0.60
CA ALA B 188 -3.72 -18.87 0.08
C ALA B 188 -3.35 -19.96 -0.93
N ALA B 189 -4.29 -20.36 -1.80
CA ALA B 189 -4.09 -21.46 -2.78
C ALA B 189 -2.93 -21.13 -3.70
N GLU B 190 -2.86 -19.89 -4.16
CA GLU B 190 -2.01 -19.51 -5.32
C GLU B 190 -0.58 -19.33 -4.83
N TRP B 191 -0.42 -19.01 -3.55
CA TRP B 191 0.90 -18.90 -2.89
C TRP B 191 1.31 -20.21 -2.19
N ILE B 192 0.37 -21.07 -1.84
CA ILE B 192 0.70 -22.50 -1.59
C ILE B 192 1.26 -23.09 -2.90
N ILE B 193 0.58 -22.92 -4.03
CA ILE B 193 1.00 -23.44 -5.37
C ILE B 193 2.42 -22.93 -5.64
N TRP B 194 2.58 -21.61 -5.59
CA TRP B 194 3.81 -20.87 -6.01
C TRP B 194 5.04 -21.42 -5.28
N TRP B 195 4.91 -21.65 -3.97
CA TRP B 195 5.98 -22.07 -3.04
C TRP B 195 6.28 -23.57 -3.22
N LEU B 196 5.25 -24.43 -3.22
CA LEU B 196 5.38 -25.87 -3.57
C LEU B 196 6.17 -26.05 -4.88
N ARG B 197 6.23 -25.02 -5.74
CA ARG B 197 7.02 -25.07 -7.00
C ARG B 197 8.49 -24.82 -6.66
N ALA B 198 8.81 -23.65 -6.10
CA ALA B 198 10.19 -23.21 -5.79
C ALA B 198 10.80 -24.08 -4.68
N LEU B 199 10.03 -25.05 -4.14
CA LEU B 199 10.43 -25.96 -3.03
C LEU B 199 10.75 -27.37 -3.58
N LYS B 200 10.54 -27.61 -4.88
CA LYS B 200 11.09 -28.81 -5.57
C LYS B 200 12.62 -28.76 -5.45
N THR B 201 13.30 -29.90 -5.32
CA THR B 201 14.79 -29.94 -5.37
C THR B 201 15.21 -29.71 -6.83
N VAL B 202 14.43 -30.30 -7.75
CA VAL B 202 14.54 -30.22 -9.25
C VAL B 202 15.04 -28.82 -9.68
N GLY B 203 14.35 -27.75 -9.26
CA GLY B 203 14.84 -26.36 -9.40
C GLY B 203 16.04 -26.13 -8.51
N GLN B 204 16.27 -24.89 -8.05
CA GLN B 204 17.47 -24.50 -7.25
C GLN B 204 18.70 -24.47 -8.18
N GLN B 205 18.59 -25.05 -9.39
CA GLN B 205 19.58 -24.90 -10.50
C GLN B 205 19.47 -23.45 -11.00
N LEU B 206 20.36 -22.58 -10.51
CA LEU B 206 20.28 -21.09 -10.65
C LEU B 206 21.24 -20.64 -11.75
N ALA B 207 20.77 -19.80 -12.68
CA ALA B 207 21.53 -19.37 -13.88
C ALA B 207 21.25 -17.89 -14.22
N SER B 208 22.31 -17.09 -14.37
CA SER B 208 22.25 -15.76 -15.04
C SER B 208 22.11 -15.96 -16.55
N ILE B 209 21.93 -14.89 -17.31
CA ILE B 209 21.92 -14.90 -18.81
C ILE B 209 23.24 -14.29 -19.29
N GLU B 210 23.87 -14.94 -20.28
CA GLU B 210 25.20 -14.57 -20.85
C GLU B 210 25.23 -13.09 -21.23
N GLY B 211 26.07 -12.29 -20.56
CA GLY B 211 26.27 -10.86 -20.85
C GLY B 211 24.97 -10.08 -20.71
N GLY B 212 24.28 -10.29 -19.59
CA GLY B 212 23.12 -9.50 -19.15
C GLY B 212 21.80 -10.21 -19.36
N SER B 213 20.75 -9.75 -18.69
CA SER B 213 19.36 -10.28 -18.82
C SER B 213 18.70 -9.66 -20.05
N ALA B 214 18.98 -8.38 -20.30
CA ALA B 214 18.54 -7.63 -21.50
C ALA B 214 19.18 -8.23 -22.76
N ARG B 215 20.19 -9.08 -22.61
CA ARG B 215 20.69 -9.87 -23.76
C ARG B 215 19.46 -10.52 -24.45
N LEU B 216 18.56 -11.13 -23.67
CA LEU B 216 17.35 -11.84 -24.18
C LEU B 216 16.46 -10.89 -24.96
N THR B 217 16.35 -9.62 -24.57
CA THR B 217 15.54 -8.61 -25.31
C THR B 217 16.12 -8.45 -26.73
N ALA B 218 17.43 -8.19 -26.82
CA ALA B 218 18.16 -7.94 -28.08
C ALA B 218 17.93 -9.09 -29.07
N GLN B 219 18.31 -10.31 -28.67
CA GLN B 219 18.22 -11.55 -29.47
C GLN B 219 16.80 -11.72 -30.02
N LEU B 220 15.79 -11.33 -29.25
CA LEU B 220 14.36 -11.45 -29.65
C LEU B 220 13.99 -10.38 -30.68
N LEU B 221 14.68 -9.24 -30.75
CA LEU B 221 14.47 -8.21 -31.81
C LEU B 221 15.26 -8.58 -33.08
N ALA B 222 16.39 -9.29 -32.93
CA ALA B 222 17.32 -9.69 -34.00
C ALA B 222 16.74 -10.84 -34.85
N ARG B 223 15.87 -11.65 -34.23
CA ARG B 223 15.00 -12.65 -34.91
C ARG B 223 13.66 -12.01 -35.23
N LEU B 224 13.32 -10.88 -34.61
CA LEU B 224 12.06 -10.13 -34.88
C LEU B 224 12.34 -9.02 -35.90
N ARG B 225 13.55 -8.96 -36.43
CA ARG B 225 13.89 -8.10 -37.59
C ARG B 225 13.89 -8.95 -38.86
N SER B 226 14.35 -10.20 -38.79
CA SER B 226 14.41 -11.18 -39.91
C SER B 226 13.03 -11.79 -40.19
N HIS B 227 11.97 -11.38 -39.48
CA HIS B 227 10.54 -11.73 -39.76
C HIS B 227 9.87 -10.54 -40.46
N ALA B 228 9.50 -10.73 -41.74
CA ALA B 228 9.12 -9.70 -42.72
C ALA B 228 7.81 -9.01 -42.31
N ASN B 229 6.90 -9.78 -41.71
CA ASN B 229 5.46 -9.42 -41.51
C ASN B 229 5.27 -8.76 -40.14
N VAL B 230 6.33 -8.16 -39.55
CA VAL B 230 6.34 -7.50 -38.22
C VAL B 230 6.92 -6.09 -38.35
N THR B 231 6.10 -5.05 -38.14
CA THR B 231 6.56 -3.64 -38.00
C THR B 231 6.57 -3.28 -36.49
N LEU B 232 7.77 -3.11 -35.90
CA LEU B 232 7.99 -2.68 -34.48
C LEU B 232 7.89 -1.16 -34.42
N ALA B 233 7.11 -0.61 -33.48
CA ALA B 233 6.84 0.84 -33.39
C ALA B 233 6.96 1.33 -31.94
N GLY B 234 8.20 1.46 -31.44
CA GLY B 234 8.54 2.18 -30.20
C GLY B 234 7.90 3.55 -30.16
N GLY B 235 7.91 4.19 -28.98
CA GLY B 235 7.39 5.56 -28.77
C GLY B 235 5.88 5.66 -28.88
N HIS B 236 5.20 4.52 -29.10
CA HIS B 236 3.73 4.44 -29.34
C HIS B 236 3.05 3.88 -28.08
N LYS B 237 2.09 4.63 -27.52
CA LYS B 237 1.35 4.26 -26.30
C LYS B 237 -0.15 4.24 -26.59
N LEU B 238 -0.74 3.04 -26.57
CA LEU B 238 -2.21 2.83 -26.62
C LEU B 238 -2.84 3.63 -25.49
N VAL B 239 -3.79 4.50 -25.82
CA VAL B 239 -4.46 5.39 -24.83
C VAL B 239 -5.99 5.33 -25.00
N GLY B 240 -6.48 4.44 -25.88
CA GLY B 240 -7.91 4.21 -26.15
C GLY B 240 -8.17 3.05 -27.10
N VAL B 241 -9.31 2.36 -26.92
CA VAL B 241 -9.81 1.28 -27.83
C VAL B 241 -11.35 1.25 -27.79
N ARG B 242 -11.96 1.40 -28.96
CA ARG B 242 -13.43 1.41 -29.18
C ARG B 242 -13.65 0.39 -30.28
N PRO B 243 -14.76 -0.37 -30.30
CA PRO B 243 -15.14 -1.09 -31.51
C PRO B 243 -15.60 -0.01 -32.48
N VAL B 244 -15.18 -0.07 -33.75
CA VAL B 244 -15.55 0.93 -34.80
C VAL B 244 -17.07 1.05 -34.85
N GLU B 245 -17.76 -0.01 -35.24
CA GLU B 245 -19.25 -0.07 -35.18
C GLU B 245 -19.64 -1.07 -34.09
N LEU B 246 -20.70 -0.72 -33.35
CA LEU B 246 -21.45 -1.62 -32.46
C LEU B 246 -21.69 -2.94 -33.18
N GLY B 247 -21.24 -4.05 -32.58
CA GLY B 247 -21.57 -5.40 -33.05
C GLY B 247 -20.52 -5.98 -33.98
N LYS B 248 -19.64 -5.13 -34.53
CA LYS B 248 -18.67 -5.55 -35.58
C LYS B 248 -17.27 -5.60 -34.98
N PRO B 249 -16.41 -6.53 -35.45
CA PRO B 249 -15.11 -6.77 -34.82
C PRO B 249 -14.03 -5.71 -35.07
N THR B 250 -14.31 -4.66 -35.85
CA THR B 250 -13.27 -3.67 -36.22
C THR B 250 -13.01 -2.80 -34.99
N LEU B 251 -11.74 -2.71 -34.57
CA LEU B 251 -11.29 -1.94 -33.37
C LEU B 251 -10.61 -0.64 -33.79
N ALA B 252 -10.99 0.47 -33.15
CA ALA B 252 -10.34 1.79 -33.21
C ALA B 252 -9.30 1.95 -32.08
N LEU B 253 -8.02 2.04 -32.42
CA LEU B 253 -6.91 2.35 -31.46
C LEU B 253 -6.52 3.83 -31.49
N ASP B 254 -6.79 4.57 -30.41
CA ASP B 254 -6.09 5.85 -30.08
C ASP B 254 -4.69 5.53 -29.53
N VAL B 255 -3.66 5.80 -30.33
CA VAL B 255 -2.23 5.62 -29.99
C VAL B 255 -1.57 6.99 -29.97
N ALA B 256 -1.19 7.50 -28.79
CA ALA B 256 -0.34 8.71 -28.64
C ALA B 256 1.12 8.32 -28.90
N THR B 257 1.87 9.18 -29.60
CA THR B 257 3.30 8.95 -29.97
C THR B 257 4.04 10.31 -29.94
N GLN B 258 5.32 10.29 -30.38
CA GLN B 258 6.29 11.43 -30.40
C GLN B 258 5.69 12.62 -31.17
N ASN B 259 5.52 12.45 -32.49
CA ASN B 259 4.73 13.35 -33.37
C ASN B 259 3.47 13.81 -32.61
N GLY B 260 2.51 12.91 -32.43
CA GLY B 260 1.21 13.19 -31.80
C GLY B 260 0.29 11.99 -31.83
N ALA B 261 -1.02 12.23 -31.86
CA ALA B 261 -2.11 11.26 -31.54
C ALA B 261 -2.65 10.55 -32.79
N VAL B 262 -1.89 9.61 -33.38
CA VAL B 262 -2.35 8.78 -34.54
C VAL B 262 -3.64 8.01 -34.17
N THR B 263 -4.26 7.34 -35.16
CA THR B 263 -5.48 6.48 -34.99
C THR B 263 -5.36 5.28 -35.92
N LEU B 264 -4.86 4.16 -35.39
CA LEU B 264 -4.86 2.86 -36.09
C LEU B 264 -6.26 2.23 -36.03
N ARG B 265 -6.42 1.14 -36.79
CA ARG B 265 -7.58 0.20 -36.76
C ARG B 265 -7.03 -1.23 -36.90
N THR B 266 -7.63 -2.18 -36.20
CA THR B 266 -7.19 -3.59 -36.24
C THR B 266 -8.40 -4.51 -36.07
N GLU B 267 -8.24 -5.75 -36.51
CA GLU B 267 -9.22 -6.86 -36.37
C GLU B 267 -8.95 -7.65 -35.06
N ARG B 268 -7.82 -7.38 -34.38
CA ARG B 268 -7.38 -8.13 -33.16
C ARG B 268 -6.33 -7.32 -32.39
N LEU B 269 -6.66 -6.90 -31.17
CA LEU B 269 -5.74 -6.15 -30.27
C LEU B 269 -5.25 -7.06 -29.13
N VAL B 270 -3.93 -7.15 -28.94
CA VAL B 270 -3.29 -7.90 -27.80
C VAL B 270 -2.71 -6.94 -26.76
N LEU B 271 -3.33 -6.83 -25.58
CA LEU B 271 -2.82 -6.02 -24.43
C LEU B 271 -1.80 -6.83 -23.61
N ALA B 272 -0.52 -6.77 -23.95
CA ALA B 272 0.60 -7.33 -23.14
C ALA B 272 0.98 -6.27 -22.11
N LEU B 273 0.12 -6.08 -21.11
CA LEU B 273 0.23 -4.98 -20.11
C LEU B 273 -0.04 -5.52 -18.71
N PRO B 274 0.74 -5.09 -17.70
CA PRO B 274 0.40 -5.42 -16.32
C PRO B 274 -0.82 -4.63 -15.82
N ARG B 275 -1.09 -4.71 -14.52
CA ARG B 275 -2.38 -4.24 -13.91
C ARG B 275 -2.54 -2.74 -14.07
N LEU B 276 -1.48 -1.96 -13.85
CA LEU B 276 -1.62 -0.48 -13.75
C LEU B 276 -1.98 0.16 -15.09
N PRO B 277 -1.31 -0.18 -16.21
CA PRO B 277 -1.71 0.40 -17.49
C PRO B 277 -3.14 -0.02 -17.89
N LEU B 278 -3.52 -1.27 -17.62
CA LEU B 278 -4.87 -1.78 -17.93
C LEU B 278 -5.90 -0.97 -17.14
N LEU B 279 -5.62 -0.62 -15.90
CA LEU B 279 -6.54 0.22 -15.08
C LEU B 279 -6.64 1.63 -15.67
N LYS B 280 -5.59 2.12 -16.31
CA LYS B 280 -5.59 3.47 -16.93
C LYS B 280 -6.47 3.37 -18.20
N LEU B 281 -6.61 2.17 -18.78
CA LEU B 281 -7.49 1.88 -19.94
C LEU B 281 -8.87 1.37 -19.47
N THR B 282 -9.21 1.45 -18.19
CA THR B 282 -10.35 0.65 -17.66
C THR B 282 -11.68 1.08 -18.30
N ARG B 283 -11.84 2.36 -18.63
CA ARG B 283 -13.10 2.90 -19.23
C ARG B 283 -13.29 2.30 -20.63
N HIS B 284 -12.19 2.03 -21.33
CA HIS B 284 -12.12 1.52 -22.73
C HIS B 284 -12.15 -0.02 -22.79
N LEU B 285 -12.54 -0.69 -21.70
CA LEU B 285 -12.53 -2.17 -21.59
C LEU B 285 -13.91 -2.62 -21.19
N PRO B 286 -14.36 -3.80 -21.69
CA PRO B 286 -15.64 -4.40 -21.28
C PRO B 286 -15.76 -4.58 -19.77
N GLU B 287 -16.90 -4.21 -19.16
CA GLU B 287 -17.03 -4.23 -17.67
C GLU B 287 -16.60 -5.63 -17.20
N HIS B 288 -17.09 -6.66 -17.89
CA HIS B 288 -16.85 -8.07 -17.48
C HIS B 288 -15.35 -8.37 -17.35
N VAL B 289 -14.47 -7.63 -18.05
CA VAL B 289 -12.99 -7.76 -17.92
C VAL B 289 -12.46 -6.73 -16.92
N ALA B 290 -12.78 -5.44 -17.09
CA ALA B 290 -12.28 -4.33 -16.24
C ALA B 290 -12.64 -4.58 -14.78
N SER B 291 -13.79 -5.19 -14.51
CA SER B 291 -14.28 -5.53 -13.15
C SER B 291 -13.30 -6.45 -12.39
N GLN B 292 -12.38 -7.12 -13.09
CA GLN B 292 -11.48 -8.17 -12.53
C GLN B 292 -10.00 -7.75 -12.49
N LEU B 293 -9.65 -6.60 -13.01
CA LEU B 293 -8.24 -6.16 -13.05
C LEU B 293 -7.69 -6.12 -11.62
N ASP B 294 -8.58 -5.91 -10.63
CA ASP B 294 -8.20 -5.86 -9.19
C ASP B 294 -8.19 -7.25 -8.57
N SER B 295 -8.21 -8.29 -9.40
CA SER B 295 -8.06 -9.70 -8.98
C SER B 295 -6.61 -9.98 -8.60
N VAL B 296 -5.71 -9.03 -8.82
CA VAL B 296 -4.28 -9.14 -8.45
C VAL B 296 -3.82 -7.81 -7.86
N ASN B 297 -2.76 -7.87 -7.07
CA ASN B 297 -2.09 -6.73 -6.41
C ASN B 297 -0.72 -6.60 -7.06
N GLY B 298 -0.22 -5.40 -7.33
CA GLY B 298 1.15 -5.23 -7.82
C GLY B 298 2.04 -4.91 -6.65
N PHE B 299 3.05 -5.72 -6.32
CA PHE B 299 4.00 -5.38 -5.24
C PHE B 299 5.04 -4.41 -5.79
N PRO B 300 5.38 -3.34 -5.05
CA PRO B 300 6.51 -2.48 -5.40
C PRO B 300 7.83 -3.15 -4.97
N MET B 301 8.86 -2.96 -5.76
CA MET B 301 10.24 -3.32 -5.39
C MET B 301 11.11 -2.19 -5.89
N LEU B 302 12.26 -1.96 -5.26
CA LEU B 302 13.17 -0.85 -5.61
C LEU B 302 14.60 -1.36 -5.49
N LYS B 303 15.41 -1.13 -6.51
CA LYS B 303 16.85 -1.47 -6.53
C LYS B 303 17.66 -0.16 -6.51
N VAL B 304 18.71 -0.14 -5.70
CA VAL B 304 19.79 0.87 -5.80
C VAL B 304 21.10 0.11 -5.96
N PHE B 305 21.93 0.60 -6.87
CA PHE B 305 23.26 0.05 -7.18
C PHE B 305 24.27 1.14 -6.84
N PHE B 306 25.29 0.77 -6.09
CA PHE B 306 26.49 1.62 -5.88
C PHE B 306 27.72 0.87 -6.42
N VAL B 307 28.57 1.53 -7.20
CA VAL B 307 29.88 0.95 -7.61
C VAL B 307 30.97 1.64 -6.79
N CYS B 308 31.74 0.83 -6.07
CA CYS B 308 32.71 1.25 -5.04
C CYS B 308 34.14 1.08 -5.59
N SER B 309 34.93 2.15 -5.54
CA SER B 309 36.39 2.15 -5.84
C SER B 309 37.09 1.13 -4.93
N THR B 310 36.93 1.30 -3.61
CA THR B 310 37.68 0.57 -2.55
C THR B 310 36.70 -0.19 -1.66
N PRO B 311 36.23 -1.39 -2.07
CA PRO B 311 35.31 -2.20 -1.26
C PRO B 311 35.79 -2.43 0.18
N TRP B 312 34.88 -2.78 1.09
CA TRP B 312 35.21 -3.12 2.48
C TRP B 312 34.92 -4.61 2.73
N TRP B 313 34.54 -5.39 1.72
CA TRP B 313 33.96 -6.76 1.93
C TRP B 313 34.80 -7.84 1.24
N SER B 314 34.67 -9.10 1.70
CA SER B 314 35.43 -10.29 1.20
C SER B 314 34.92 -10.73 -0.19
N TYR B 315 35.49 -11.82 -0.70
CA TYR B 315 35.33 -12.27 -2.12
C TYR B 315 34.20 -13.32 -2.23
N GLY B 316 33.63 -13.74 -1.10
CA GLY B 316 32.40 -14.57 -1.07
C GLY B 316 31.33 -13.97 -0.17
N GLN B 317 31.37 -12.65 0.05
CA GLN B 317 30.53 -11.98 1.09
C GLN B 317 29.05 -12.24 0.77
N ALA B 318 28.35 -12.88 1.70
CA ALA B 318 26.96 -13.36 1.52
C ALA B 318 26.02 -12.17 1.45
N PRO B 319 24.90 -12.27 0.70
CA PRO B 319 23.81 -11.33 0.87
C PRO B 319 23.29 -11.37 2.32
N GLN B 320 23.03 -10.19 2.89
CA GLN B 320 22.42 -9.99 4.23
C GLN B 320 20.94 -9.59 4.09
N GLN B 321 20.22 -9.54 5.22
CA GLN B 321 18.76 -9.22 5.31
C GLN B 321 18.57 -8.03 6.26
N TYR B 322 19.30 -6.94 6.06
CA TYR B 322 19.24 -5.69 6.89
C TYR B 322 17.77 -5.30 7.09
N ASN B 324 16.20 -3.26 8.91
CA ASN B 324 16.27 -2.39 10.13
C ASN B 324 17.56 -1.55 10.10
N CYS B 325 18.73 -2.23 10.16
CA CYS B 325 20.11 -1.63 10.14
C CYS B 325 20.25 -0.61 9.01
N MET B 326 19.72 -0.96 7.84
CA MET B 326 19.46 -0.05 6.68
C MET B 326 17.97 -0.11 6.35
N PRO B 327 17.35 0.99 5.90
CA PRO B 327 16.07 0.85 5.21
C PRO B 327 16.34 0.14 3.87
N THR B 328 16.40 -1.21 3.91
CA THR B 328 16.44 -2.13 2.75
C THR B 328 15.91 -3.49 3.25
N ARG B 329 15.66 -4.47 2.38
CA ARG B 329 15.42 -5.87 2.82
C ARG B 329 16.73 -6.64 2.64
N GLU B 330 17.09 -6.95 1.40
CA GLU B 330 18.37 -7.60 1.04
C GLU B 330 19.40 -6.50 0.78
N ILE B 331 20.65 -6.74 1.14
CA ILE B 331 21.83 -5.97 0.64
C ILE B 331 22.82 -6.99 0.07
N HIS B 332 23.02 -6.97 -1.27
CA HIS B 332 23.83 -7.96 -2.04
C HIS B 332 25.18 -7.35 -2.39
N TYR B 333 26.22 -8.18 -2.45
CA TYR B 333 27.65 -7.78 -2.52
C TYR B 333 28.30 -8.38 -3.78
N PHE B 334 29.00 -7.54 -4.55
CA PHE B 334 29.63 -7.94 -5.84
C PHE B 334 31.06 -7.40 -5.95
N ARG B 335 31.97 -8.28 -6.39
CA ARG B 335 33.29 -7.87 -6.94
C ARG B 335 33.37 -8.35 -8.38
N ARG B 336 34.31 -7.80 -9.16
CA ARG B 336 34.59 -8.26 -10.55
C ARG B 336 35.01 -9.71 -10.48
N PRO B 337 34.71 -10.56 -11.49
CA PRO B 337 35.40 -11.84 -11.63
C PRO B 337 36.89 -11.51 -11.51
N PRO B 338 37.58 -11.91 -10.41
CA PRO B 338 38.92 -11.39 -10.08
C PRO B 338 40.02 -11.86 -11.03
N GLU B 339 39.67 -12.78 -11.95
CA GLU B 339 40.48 -13.23 -13.11
C GLU B 339 40.49 -12.14 -14.20
N ALA B 340 39.56 -11.18 -14.13
CA ALA B 340 39.41 -10.03 -15.06
C ALA B 340 39.32 -8.71 -14.28
N ASP B 341 39.88 -8.64 -13.08
CA ASP B 341 39.69 -7.49 -12.15
C ASP B 341 40.86 -6.52 -12.33
N ALA B 342 40.69 -5.51 -13.19
CA ALA B 342 41.75 -4.56 -13.60
C ALA B 342 41.81 -3.35 -12.65
N ASP B 343 40.94 -3.32 -11.62
CA ASP B 343 40.88 -2.18 -10.68
C ASP B 343 40.46 -2.63 -9.28
N GLY B 344 40.02 -3.87 -9.09
CA GLY B 344 39.66 -4.39 -7.76
C GLY B 344 38.31 -3.88 -7.26
N HIS B 345 37.54 -3.19 -8.10
CA HIS B 345 36.25 -2.54 -7.72
C HIS B 345 35.21 -3.58 -7.30
N GLY B 346 34.15 -3.07 -6.68
CA GLY B 346 33.00 -3.85 -6.19
C GLY B 346 31.71 -3.05 -6.25
N MET B 347 30.58 -3.75 -6.14
CA MET B 347 29.22 -3.15 -6.31
C MET B 347 28.30 -3.71 -5.22
N VAL B 348 27.43 -2.83 -4.71
CA VAL B 348 26.40 -3.14 -3.69
C VAL B 348 25.01 -2.91 -4.30
N LEU B 349 24.17 -3.93 -4.22
CA LEU B 349 22.71 -3.87 -4.53
C LEU B 349 21.91 -3.80 -3.23
N LEU B 350 21.27 -2.66 -2.97
CA LEU B 350 20.11 -2.51 -2.06
C LEU B 350 18.85 -2.91 -2.85
N TYR B 351 18.27 -4.07 -2.53
CA TYR B 351 17.03 -4.62 -3.10
C TYR B 351 15.96 -4.56 -2.00
N MET B 352 14.86 -3.82 -2.18
CA MET B 352 13.88 -3.63 -1.06
C MET B 352 12.43 -3.68 -1.51
N ASP B 353 11.56 -4.15 -0.59
CA ASP B 353 10.08 -4.23 -0.74
C ASP B 353 9.46 -3.20 0.21
N ARG B 354 8.15 -3.21 0.38
CA ARG B 354 7.45 -2.34 1.35
C ARG B 354 7.98 -2.74 2.73
N PRO B 355 8.30 -1.81 3.66
CA PRO B 355 8.09 -0.36 3.49
C PRO B 355 9.35 0.45 3.17
N SER B 356 10.48 -0.23 3.02
CA SER B 356 11.79 0.37 2.71
C SER B 356 11.66 1.16 1.39
N THR B 357 10.87 0.65 0.43
CA THR B 357 10.59 1.34 -0.86
C THR B 357 10.23 2.81 -0.63
N GLU B 358 9.41 3.10 0.37
CA GLU B 358 8.93 4.46 0.70
C GLU B 358 10.11 5.38 1.07
N PHE B 359 11.16 4.84 1.68
CA PHE B 359 12.34 5.64 2.12
C PHE B 359 13.01 6.27 0.89
N TRP B 360 13.20 5.45 -0.16
CA TRP B 360 14.13 5.74 -1.28
C TRP B 360 13.39 6.33 -2.47
N ARG B 361 12.13 5.93 -2.65
CA ARG B 361 11.35 6.33 -3.84
C ARG B 361 11.47 7.85 -4.07
N HIS B 362 11.67 8.66 -3.02
CA HIS B 362 11.63 10.13 -3.14
C HIS B 362 12.92 10.70 -3.73
N TYR B 363 13.94 9.88 -3.93
CA TYR B 363 15.27 10.27 -4.49
C TYR B 363 15.28 10.18 -6.03
N VAL B 364 14.16 9.84 -6.68
CA VAL B 364 14.03 9.97 -8.16
C VAL B 364 13.79 11.46 -8.45
N ILE B 365 14.74 12.11 -9.11
CA ILE B 365 14.75 13.59 -9.26
C ILE B 365 13.63 13.99 -10.24
N ASP B 366 13.35 13.14 -11.22
CA ASP B 366 12.28 13.35 -12.23
C ASP B 366 10.99 12.77 -11.67
N GLY B 367 10.07 13.60 -11.15
CA GLY B 367 8.63 13.27 -11.06
C GLY B 367 8.12 13.06 -12.47
N ASP B 368 6.81 13.02 -12.69
CA ASP B 368 6.22 13.06 -14.07
C ASP B 368 6.60 11.80 -14.87
N ARG B 369 7.89 11.46 -14.99
CA ARG B 369 8.38 10.32 -15.81
C ARG B 369 9.48 9.54 -15.06
N HIS B 370 9.38 8.21 -15.04
CA HIS B 370 10.38 7.25 -14.51
C HIS B 370 10.12 5.86 -15.13
N ASP B 371 10.72 5.63 -16.31
CA ASP B 371 10.49 4.47 -17.23
C ASP B 371 11.72 3.56 -17.28
N ARG B 372 12.74 3.87 -16.47
CA ARG B 372 14.07 3.19 -16.44
C ARG B 372 14.87 3.80 -15.30
N ALA B 373 15.98 3.16 -14.93
CA ALA B 373 16.90 3.59 -13.86
C ALA B 373 17.28 5.08 -14.04
N GLU B 374 17.43 5.83 -12.93
CA GLU B 374 18.17 7.11 -12.83
C GLU B 374 19.58 6.87 -12.28
N LEU B 375 20.61 6.93 -13.12
CA LEU B 375 22.04 6.79 -12.71
C LEU B 375 22.66 8.17 -12.44
N ASP B 376 23.54 8.24 -11.43
CA ASP B 376 24.37 9.42 -11.11
C ASP B 376 23.54 10.70 -11.26
N GLN B 377 22.35 10.79 -10.66
CA GLN B 377 21.49 12.01 -10.76
C GLN B 377 21.02 12.56 -9.41
N ASN B 378 21.44 11.99 -8.29
CA ASN B 378 21.12 12.55 -6.95
C ASN B 378 22.14 12.09 -5.90
N GLY B 379 23.08 12.97 -5.57
CA GLY B 379 24.14 12.71 -4.56
C GLY B 379 23.53 12.33 -3.23
N ARG B 380 22.29 12.76 -2.97
CA ARG B 380 21.57 12.53 -1.69
C ARG B 380 21.34 11.05 -1.46
N ILE B 381 21.36 10.24 -2.51
CA ILE B 381 21.22 8.75 -2.46
C ILE B 381 22.50 8.18 -1.84
N VAL B 382 23.65 8.77 -2.16
CA VAL B 382 24.98 8.33 -1.63
C VAL B 382 25.09 8.84 -0.19
N ASP B 383 24.91 10.15 -0.01
CA ASP B 383 24.80 10.82 1.31
C ASP B 383 24.09 9.95 2.36
N ALA B 384 23.10 9.14 1.96
CA ALA B 384 22.26 8.39 2.92
C ALA B 384 22.70 6.93 2.97
N PHE B 385 23.17 6.37 1.86
CA PHE B 385 23.83 5.05 1.82
C PHE B 385 25.09 5.10 2.70
N ALA B 386 25.93 6.12 2.50
CA ALA B 386 27.15 6.33 3.29
C ALA B 386 26.82 6.19 4.79
N LEU B 387 26.08 7.16 5.36
CA LEU B 387 25.71 7.26 6.80
C LEU B 387 25.19 5.90 7.29
N PHE B 388 24.28 5.25 6.58
CA PHE B 388 23.67 3.98 7.05
C PHE B 388 24.77 2.92 7.13
N VAL B 389 25.62 2.76 6.12
CA VAL B 389 26.72 1.74 6.15
C VAL B 389 27.79 2.18 7.17
N ALA B 390 28.19 3.45 7.16
CA ALA B 390 29.21 4.05 8.07
C ALA B 390 28.98 3.61 9.53
N ARG B 391 27.76 3.74 10.05
CA ARG B 391 27.34 3.17 11.36
C ARG B 391 27.74 1.70 11.41
N ASP B 392 27.21 0.89 10.49
CA ASP B 392 27.29 -0.59 10.54
C ASP B 392 28.73 -1.08 10.43
N VAL B 393 29.65 -0.32 9.81
CA VAL B 393 31.04 -0.80 9.56
C VAL B 393 32.00 -0.29 10.65
N LYS B 394 31.56 0.66 11.50
CA LYS B 394 32.28 0.98 12.76
C LYS B 394 31.93 -0.09 13.81
N ARG B 395 30.70 -0.59 13.80
CA ARG B 395 30.20 -1.68 14.69
C ARG B 395 30.83 -3.02 14.27
N ALA B 396 31.15 -3.20 12.99
CA ALA B 396 31.64 -4.46 12.38
C ALA B 396 33.16 -4.59 12.55
N ALA B 397 33.87 -3.46 12.66
CA ALA B 397 35.30 -3.42 13.06
C ALA B 397 35.47 -4.23 14.35
N ALA B 398 34.77 -3.84 15.43
CA ALA B 398 34.81 -4.45 16.79
C ALA B 398 34.13 -5.82 16.80
N SER B 399 32.80 -5.85 16.95
CA SER B 399 31.96 -7.05 17.28
C SER B 399 32.56 -8.32 16.66
N GLU B 400 32.79 -8.34 15.35
CA GLU B 400 33.28 -9.53 14.58
C GLU B 400 32.19 -10.61 14.56
N GLU B 401 31.25 -10.59 15.52
CA GLU B 401 30.04 -11.46 15.58
C GLU B 401 28.94 -10.89 14.66
N SER B 402 29.30 -10.68 13.39
CA SER B 402 28.52 -10.00 12.34
C SER B 402 28.67 -10.77 11.02
N ALA B 403 27.75 -10.59 10.07
CA ALA B 403 27.78 -11.21 8.72
C ALA B 403 28.78 -10.46 7.82
N LEU B 404 29.31 -9.32 8.30
CA LEU B 404 30.20 -8.41 7.54
C LEU B 404 31.62 -9.00 7.44
N LYS B 405 31.91 -9.80 6.41
CA LYS B 405 33.32 -10.21 6.12
C LYS B 405 34.09 -8.95 5.66
N LEU B 406 34.44 -8.11 6.64
CA LEU B 406 35.24 -6.87 6.49
C LEU B 406 36.69 -7.24 6.17
N THR B 407 37.29 -6.64 5.15
CA THR B 407 38.71 -6.85 4.78
C THR B 407 39.59 -6.30 5.90
N ASP B 408 40.79 -6.86 6.04
CA ASP B 408 41.77 -6.44 7.07
C ASP B 408 42.06 -4.96 6.82
N HIS B 409 42.31 -4.56 5.57
CA HIS B 409 42.62 -3.14 5.25
C HIS B 409 41.47 -2.26 5.76
N ALA B 410 40.22 -2.66 5.48
CA ALA B 410 38.99 -1.94 5.90
C ALA B 410 38.81 -2.02 7.42
N ARG B 411 39.00 -3.21 8.02
CA ARG B 411 38.77 -3.48 9.47
C ARG B 411 39.54 -2.45 10.30
N ARG B 412 40.80 -2.21 9.94
CA ARG B 412 41.72 -1.27 10.63
C ARG B 412 41.27 0.17 10.34
N ILE B 413 41.36 0.61 9.08
CA ILE B 413 41.21 2.04 8.67
C ILE B 413 39.90 2.61 9.24
N PHE B 414 38.87 1.76 9.38
CA PHE B 414 37.54 2.13 9.94
C PHE B 414 37.66 2.34 11.46
N GLY B 415 38.29 1.38 12.16
CA GLY B 415 38.66 1.51 13.59
C GLY B 415 39.04 2.93 13.97
N ASP B 416 39.73 3.66 13.09
CA ASP B 416 40.46 4.92 13.37
C ASP B 416 39.64 6.17 12.99
N LEU B 417 38.82 6.08 11.94
CA LEU B 417 38.05 7.22 11.39
C LEU B 417 36.82 7.46 12.26
N SER B 418 36.44 8.73 12.45
CA SER B 418 35.17 9.14 13.08
C SER B 418 34.04 8.81 12.12
N LEU B 419 32.81 8.69 12.61
CA LEU B 419 31.62 8.48 11.74
C LEU B 419 31.70 9.44 10.54
N ALA B 420 31.79 10.76 10.80
CA ALA B 420 31.75 11.84 9.78
C ALA B 420 32.79 11.58 8.67
N GLU B 421 33.86 10.84 8.96
CA GLU B 421 34.95 10.51 8.01
C GLU B 421 34.66 9.14 7.39
N THR B 422 34.18 8.18 8.17
CA THR B 422 33.76 6.85 7.66
C THR B 422 32.64 7.04 6.61
N THR B 423 31.67 7.93 6.90
CA THR B 423 30.66 8.37 5.91
C THR B 423 31.40 8.83 4.65
N GLN B 424 32.25 9.85 4.77
CA GLN B 424 32.99 10.49 3.64
C GLN B 424 33.88 9.48 2.90
N TYR B 425 34.55 8.57 3.60
CA TYR B 425 35.40 7.55 2.94
C TYR B 425 34.52 6.80 1.94
N ILE B 426 33.36 6.31 2.40
CA ILE B 426 32.38 5.54 1.58
C ILE B 426 31.78 6.47 0.51
N ARG B 427 31.38 7.69 0.86
CA ARG B 427 30.77 8.65 -0.09
C ARG B 427 31.75 8.85 -1.25
N ASN B 428 33.03 9.04 -0.94
CA ASN B 428 34.06 9.28 -1.97
C ASN B 428 34.25 8.02 -2.80
N SER B 429 34.15 6.85 -2.16
CA SER B 429 34.46 5.53 -2.77
C SER B 429 33.56 5.24 -3.97
N ILE B 430 32.40 5.93 -4.06
CA ILE B 430 31.34 5.59 -5.05
C ILE B 430 31.73 6.20 -6.41
N ILE B 431 31.77 5.36 -7.44
CA ILE B 431 32.14 5.76 -8.83
C ILE B 431 30.87 6.19 -9.55
N THR B 432 29.89 5.30 -9.58
CA THR B 432 28.57 5.48 -10.23
C THR B 432 27.52 4.79 -9.35
N TYR B 433 26.29 5.31 -9.37
CA TYR B 433 25.13 4.75 -8.62
C TYR B 433 23.84 4.96 -9.42
N GLY B 434 22.86 4.09 -9.18
CA GLY B 434 21.56 4.11 -9.88
C GLY B 434 20.41 3.59 -9.02
N ILE B 435 19.18 3.98 -9.36
CA ILE B 435 17.92 3.63 -8.65
C ILE B 435 16.81 3.36 -9.67
N ARG B 436 16.07 2.27 -9.51
CA ARG B 436 14.83 1.98 -10.28
C ARG B 436 13.70 1.72 -9.28
N ASP B 437 12.62 2.52 -9.32
CA ASP B 437 11.40 2.42 -8.48
C ASP B 437 10.28 1.81 -9.34
N TRP B 438 10.14 0.50 -9.33
CA TRP B 438 9.23 -0.27 -10.22
C TRP B 438 7.75 0.03 -9.94
N ALA B 439 7.44 0.73 -8.86
CA ALA B 439 6.05 1.05 -8.45
C ALA B 439 5.57 2.20 -9.33
N ARG B 440 6.45 2.72 -10.18
CA ARG B 440 6.17 3.93 -10.98
C ARG B 440 5.58 3.51 -12.31
N ALA B 441 4.66 4.33 -12.83
CA ALA B 441 4.10 4.28 -14.20
C ALA B 441 5.22 4.16 -15.22
N PRO B 442 5.03 3.39 -16.30
CA PRO B 442 3.78 2.69 -16.56
C PRO B 442 3.77 1.20 -16.15
N TYR B 443 4.60 0.83 -15.15
CA TYR B 443 4.70 -0.57 -14.64
C TYR B 443 3.83 -0.71 -13.39
N GLY B 444 4.03 0.17 -12.41
CA GLY B 444 3.26 0.22 -11.15
C GLY B 444 3.53 -0.96 -10.25
N ALA B 445 4.53 -1.77 -10.57
CA ALA B 445 4.83 -3.03 -9.86
C ALA B 445 6.01 -3.76 -10.51
N ALA B 446 6.84 -4.41 -9.69
CA ALA B 446 7.88 -5.37 -10.13
C ALA B 446 7.23 -6.72 -10.44
N ASN B 447 6.20 -7.09 -9.71
CA ASN B 447 5.42 -8.31 -10.02
C ASN B 447 4.09 -8.24 -9.29
N HIS B 448 3.20 -9.17 -9.62
CA HIS B 448 1.77 -9.18 -9.20
C HIS B 448 1.47 -10.47 -8.42
N GLY B 449 0.36 -10.52 -7.70
CA GLY B 449 -0.10 -11.68 -6.91
C GLY B 449 -1.61 -11.83 -6.87
N TRP B 450 -2.12 -13.04 -7.06
CA TRP B 450 -3.58 -13.26 -6.97
C TRP B 450 -4.05 -12.82 -5.60
N GLN B 451 -5.33 -12.48 -5.49
CA GLN B 451 -5.95 -11.94 -4.25
C GLN B 451 -6.85 -13.00 -3.67
N PRO B 452 -6.96 -13.07 -2.34
CA PRO B 452 -7.97 -13.91 -1.72
C PRO B 452 -9.32 -13.66 -2.40
N GLY B 453 -10.03 -14.73 -2.70
CA GLY B 453 -11.39 -14.65 -3.24
C GLY B 453 -11.37 -15.01 -4.70
N VAL B 454 -10.25 -14.76 -5.36
CA VAL B 454 -10.18 -14.89 -6.84
C VAL B 454 -9.99 -16.36 -7.20
N ARG B 455 -10.77 -16.82 -8.17
CA ARG B 455 -10.51 -18.10 -8.88
C ARG B 455 -9.66 -17.77 -10.10
N SER B 456 -8.34 -17.76 -9.93
CA SER B 456 -7.37 -17.35 -10.97
C SER B 456 -7.82 -17.86 -12.33
N TRP B 457 -8.29 -19.10 -12.37
CA TRP B 457 -8.53 -19.84 -13.63
C TRP B 457 -9.72 -19.22 -14.37
N LYS B 458 -10.61 -18.58 -13.62
CA LYS B 458 -11.79 -17.91 -14.21
C LYS B 458 -11.31 -16.62 -14.87
N VAL B 459 -10.33 -15.93 -14.24
CA VAL B 459 -9.75 -14.65 -14.77
C VAL B 459 -8.95 -14.97 -16.03
N MET B 460 -8.00 -15.92 -15.96
CA MET B 460 -7.08 -16.26 -17.09
C MET B 460 -7.88 -16.65 -18.34
N GLU B 461 -9.03 -17.34 -18.19
CA GLU B 461 -9.98 -17.78 -19.28
C GLU B 461 -10.68 -16.57 -19.91
N ALA B 462 -11.20 -15.68 -19.06
CA ALA B 462 -11.83 -14.41 -19.44
C ALA B 462 -10.81 -13.53 -20.16
N PHE B 463 -9.58 -13.47 -19.65
CA PHE B 463 -8.54 -12.52 -20.15
C PHE B 463 -7.95 -13.03 -21.47
N LYS B 464 -7.78 -14.35 -21.67
CA LYS B 464 -7.04 -14.96 -22.81
C LYS B 464 -7.66 -14.51 -24.14
N ALA B 465 -8.97 -14.24 -24.17
CA ALA B 465 -9.73 -13.88 -25.38
C ALA B 465 -11.10 -13.33 -24.97
N PHE B 466 -11.46 -12.15 -25.46
CA PHE B 466 -12.77 -11.48 -25.17
C PHE B 466 -13.08 -10.47 -26.28
N ASP B 467 -14.22 -9.80 -26.17
CA ASP B 467 -14.65 -8.81 -27.18
C ASP B 467 -15.66 -7.88 -26.54
N PHE B 468 -16.16 -6.90 -27.31
CA PHE B 468 -17.08 -5.88 -26.78
C PHE B 468 -18.53 -6.39 -26.80
N GLY B 469 -18.77 -7.61 -27.26
CA GLY B 469 -20.09 -8.28 -27.15
C GLY B 469 -20.52 -8.99 -28.42
N SER B 470 -19.75 -8.94 -29.50
CA SER B 470 -20.08 -9.56 -30.80
C SER B 470 -19.95 -11.09 -30.70
N GLY B 471 -19.05 -11.59 -29.83
CA GLY B 471 -18.51 -12.96 -29.86
C GLY B 471 -17.25 -13.05 -30.71
N ALA B 472 -16.85 -11.94 -31.35
CA ALA B 472 -15.64 -11.83 -32.21
C ALA B 472 -14.40 -12.49 -31.59
N ARG B 473 -14.27 -12.49 -30.26
CA ARG B 473 -13.11 -13.00 -29.47
C ARG B 473 -11.79 -12.44 -30.03
N ASN B 474 -11.69 -11.10 -30.14
CA ASN B 474 -10.59 -10.39 -30.85
C ASN B 474 -9.92 -9.34 -29.94
N LEU B 475 -10.01 -9.47 -28.61
CA LEU B 475 -9.13 -8.76 -27.63
C LEU B 475 -8.57 -9.81 -26.66
N HIS B 476 -7.36 -9.56 -26.14
CA HIS B 476 -6.54 -10.50 -25.32
C HIS B 476 -5.70 -9.72 -24.29
N ILE B 477 -5.54 -10.29 -23.11
CA ILE B 477 -4.61 -9.78 -22.09
C ILE B 477 -3.61 -10.90 -21.84
N VAL B 478 -2.34 -10.54 -21.83
CA VAL B 478 -1.18 -11.45 -21.71
C VAL B 478 -0.12 -10.73 -20.88
N GLY B 479 0.69 -11.48 -20.13
CA GLY B 479 1.74 -10.94 -19.25
C GLY B 479 1.73 -11.64 -17.91
N GLU B 480 2.83 -11.50 -17.19
CA GLU B 480 3.05 -12.02 -15.82
C GLU B 480 1.82 -11.79 -14.95
N ALA B 481 1.30 -10.57 -14.94
CA ALA B 481 0.41 -10.03 -13.89
C ALA B 481 -0.77 -10.97 -13.65
N TYR B 482 -1.45 -11.43 -14.68
CA TYR B 482 -2.64 -12.30 -14.54
C TYR B 482 -2.29 -13.71 -15.05
N SER B 483 -1.04 -14.15 -14.81
CA SER B 483 -0.49 -15.45 -15.26
C SER B 483 -0.72 -16.54 -14.19
N ASP B 484 -0.38 -17.79 -14.49
CA ASP B 484 -0.35 -18.91 -13.49
C ASP B 484 1.06 -19.08 -12.93
N TYR B 485 1.98 -18.15 -13.20
CA TYR B 485 3.35 -18.23 -12.64
C TYR B 485 3.83 -16.81 -12.38
N GLN B 486 3.08 -16.12 -11.52
CA GLN B 486 3.36 -14.71 -11.17
C GLN B 486 4.77 -14.60 -10.56
N GLY B 487 5.47 -13.50 -10.88
CA GLY B 487 6.82 -13.20 -10.39
C GLY B 487 7.85 -13.43 -11.48
N PHE B 488 7.58 -14.38 -12.37
CA PHE B 488 8.62 -14.91 -13.30
C PHE B 488 8.22 -14.67 -14.77
N ILE B 489 9.21 -14.59 -15.65
CA ILE B 489 9.03 -14.56 -17.13
C ILE B 489 8.22 -15.79 -17.54
N GLU B 490 8.36 -16.91 -16.84
CA GLU B 490 7.63 -18.15 -17.21
C GLU B 490 6.13 -17.84 -17.26
N GLY B 491 5.60 -17.17 -16.22
CA GLY B 491 4.19 -16.73 -16.17
C GLY B 491 3.84 -15.86 -17.36
N ALA B 492 4.61 -14.80 -17.61
CA ALA B 492 4.47 -13.97 -18.81
C ALA B 492 4.33 -14.88 -20.06
N LEU B 493 5.11 -15.96 -20.14
CA LEU B 493 5.10 -16.84 -21.35
C LEU B 493 3.86 -17.74 -21.32
N ASN B 494 3.57 -18.38 -20.18
CA ASN B 494 2.35 -19.21 -20.01
C ASN B 494 1.14 -18.42 -20.49
N SER B 495 1.08 -17.15 -20.09
CA SER B 495 0.02 -16.17 -20.40
C SER B 495 -0.08 -15.95 -21.91
N ALA B 496 1.05 -15.71 -22.55
CA ALA B 496 1.10 -15.47 -24.01
C ALA B 496 0.45 -16.67 -24.70
N GLU B 497 0.89 -17.89 -24.37
CA GLU B 497 0.36 -19.14 -24.98
C GLU B 497 -1.17 -19.15 -24.84
N LEU B 498 -1.70 -19.11 -23.61
CA LEU B 498 -3.17 -19.16 -23.34
C LEU B 498 -3.94 -18.38 -24.42
N ALA B 499 -3.48 -17.18 -24.77
CA ALA B 499 -4.13 -16.30 -25.78
C ALA B 499 -3.80 -16.79 -27.20
N LEU B 500 -2.55 -17.18 -27.46
CA LEU B 500 -2.07 -17.64 -28.79
C LEU B 500 -3.04 -18.74 -29.29
N ALA B 501 -3.34 -19.69 -28.42
CA ALA B 501 -4.19 -20.88 -28.71
C ALA B 501 -5.57 -20.44 -29.22
N THR B 502 -6.02 -19.22 -28.92
CA THR B 502 -7.37 -18.71 -29.29
C THR B 502 -7.29 -17.83 -30.52
N ILE B 503 -6.12 -17.75 -31.18
CA ILE B 503 -5.89 -16.92 -32.41
C ILE B 503 -5.66 -17.88 -33.59
N PRO B 504 -6.63 -18.00 -34.52
CA PRO B 504 -6.46 -18.87 -35.69
C PRO B 504 -5.43 -18.30 -36.66
N ALA B 505 -4.87 -19.16 -37.53
CA ALA B 505 -3.91 -18.77 -38.60
C ALA B 505 -4.64 -17.94 -39.65
N PRO B 506 -3.94 -17.17 -40.52
CA PRO B 506 -4.59 -16.07 -41.26
C PRO B 506 -5.53 -16.55 -42.37
PA FAD C . -15.76 11.72 5.88
O1A FAD C . -16.24 11.45 7.27
O2A FAD C . -14.98 10.66 5.18
O5B FAD C . -16.99 12.16 4.96
C5B FAD C . -17.21 11.46 3.72
C4B FAD C . -18.69 11.30 3.50
O4B FAD C . -19.00 11.54 2.11
C3B FAD C . -19.26 9.90 3.81
O3B FAD C . -20.31 10.00 4.77
C2B FAD C . -19.78 9.41 2.46
O2B FAD C . -18.76 8.70 1.80
C1B FAD C . -20.11 10.75 1.81
N9A FAD C . -20.44 10.90 0.38
C8A FAD C . -21.50 11.63 -0.11
N7A FAD C . -21.55 11.64 -1.41
C5A FAD C . -20.46 10.88 -1.81
C6A FAD C . -19.96 10.53 -3.07
N6A FAD C . -20.52 10.91 -4.22
N1A FAD C . -18.86 9.76 -3.12
C2A FAD C . -18.31 9.37 -1.96
N3A FAD C . -18.67 9.66 -0.71
C4A FAD C . -19.77 10.42 -0.71
N1 FAD C . -10.56 12.55 14.97
C2 FAD C . -9.95 13.14 16.01
O2 FAD C . -10.15 14.32 16.27
N3 FAD C . -9.10 12.47 16.82
C4 FAD C . -8.79 11.16 16.60
O4 FAD C . -8.02 10.58 17.36
C4X FAD C . -9.41 10.50 15.53
N5 FAD C . -9.14 9.24 15.32
C5X FAD C . -9.78 8.62 14.30
C6 FAD C . -9.54 7.26 14.08
C7 FAD C . -10.18 6.56 13.08
C7M FAD C . -9.90 5.10 12.89
C8 FAD C . -11.07 7.24 12.24
C8M FAD C . -11.78 6.51 11.12
C9 FAD C . -11.31 8.58 12.42
C9A FAD C . -10.69 9.30 13.45
N10 FAD C . -10.91 10.65 13.68
C10 FAD C . -10.31 11.29 14.73
C1' FAD C . -11.92 11.38 12.89
C2' FAD C . -11.51 11.86 11.53
O2' FAD C . -10.46 12.79 11.63
C3' FAD C . -12.79 12.54 11.05
O3' FAD C . -13.90 11.79 11.50
C4' FAD C . -12.86 12.68 9.54
O4' FAD C . -11.50 12.73 9.10
C5' FAD C . -13.53 13.95 9.10
O5' FAD C . -14.67 13.65 8.27
P FAD C . -14.77 14.33 6.82
O1P FAD C . -16.04 15.11 6.73
O2P FAD C . -13.48 15.01 6.55
O3P FAD C . -14.87 13.05 5.87
S SCN D . -13.52 -8.52 0.20
C SCN D . -13.16 -8.46 -1.37
N SCN D . -12.86 -8.49 -2.51
PA FAD E . 6.23 -5.74 -18.84
O1A FAD E . 7.57 -5.12 -18.86
O2A FAD E . 5.34 -5.47 -17.69
O5B FAD E . 5.46 -5.39 -20.20
C5B FAD E . 4.78 -4.11 -20.26
C4B FAD E . 5.35 -3.28 -21.38
O4B FAD E . 4.29 -2.46 -21.94
C3B FAD E . 6.48 -2.31 -21.01
O3B FAD E . 7.55 -2.35 -21.94
C2B FAD E . 5.79 -0.95 -20.95
O2B FAD E . 5.38 -0.67 -19.63
C1B FAD E . 4.70 -1.11 -22.00
N9A FAD E . 3.49 -0.30 -21.91
C8A FAD E . 2.83 0.15 -20.80
N7A FAD E . 1.74 0.82 -21.09
C5A FAD E . 1.67 0.79 -22.46
C6A FAD E . 0.73 1.31 -23.38
N6A FAD E . -0.36 1.97 -23.01
N1A FAD E . 0.96 1.08 -24.69
C2A FAD E . 2.04 0.39 -25.05
N3A FAD E . 2.99 -0.14 -24.28
C4A FAD E . 2.74 0.09 -22.98
N1 FAD E . 11.50 -13.23 -13.59
C2 FAD E . 12.12 -14.41 -13.39
O2 FAD E . 11.86 -15.38 -14.09
N3 FAD E . 13.01 -14.59 -12.39
C4 FAD E . 13.35 -13.57 -11.54
O4 FAD E . 14.17 -13.76 -10.65
C4X FAD E . 12.75 -12.32 -11.74
N5 FAD E . 13.10 -11.34 -10.96
C5X FAD E . 12.54 -10.13 -11.20
C6 FAD E . 12.95 -9.07 -10.37
C7 FAD E . 12.47 -7.79 -10.55
C7M FAD E . 12.94 -6.67 -9.65
C8 FAD E . 11.55 -7.55 -11.57
C8M FAD E . 11.01 -6.16 -11.80
C9 FAD E . 11.11 -8.59 -12.35
C9A FAD E . 11.59 -9.90 -12.23
N10 FAD E . 11.24 -10.99 -13.04
C10 FAD E . 11.82 -12.22 -12.82
C1' FAD E . 10.23 -10.95 -14.13
C2' FAD E . 10.11 -9.75 -15.07
O2' FAD E . 9.10 -8.91 -14.55
C3' FAD E . 9.72 -10.10 -16.51
O3' FAD E . 10.20 -9.08 -17.38
C4' FAD E . 8.23 -10.32 -16.82
O4' FAD E . 7.47 -10.62 -15.66
C5' FAD E . 7.60 -9.17 -17.58
O5' FAD E . 6.30 -9.58 -18.10
P FAD E . 5.51 -8.58 -19.07
O1P FAD E . 5.56 -9.10 -20.46
O2P FAD E . 4.19 -8.25 -18.46
O3P FAD E . 6.47 -7.32 -18.99
S SCN F . 8.35 11.83 -6.63
C SCN F . 6.88 12.44 -6.66
N SCN F . 5.83 13.00 -6.60
#